data_1FCT
#
_entry.id   1FCT
#
_cell.length_a   1.000
_cell.length_b   1.000
_cell.length_c   1.000
_cell.angle_alpha   90.00
_cell.angle_beta   90.00
_cell.angle_gamma   90.00
#
_symmetry.space_group_name_H-M   'P 1'
#
_entity_poly.entity_id   1
_entity_poly.type   'polypeptide(L)'
_entity_poly.pdbx_seq_one_letter_code
;MAMAMRSTFAARVGAKPAVRGARPASRMSCMA
;
_entity_poly.pdbx_strand_id   A
#
# COMPACT_ATOMS: atom_id res chain seq x y z
N MET A 1 -7.71 4.47 16.17
CA MET A 1 -6.92 5.70 16.39
C MET A 1 -6.16 6.01 15.10
N ALA A 2 -5.36 7.09 15.07
CA ALA A 2 -4.69 7.56 13.86
C ALA A 2 -3.79 6.51 13.21
N MET A 3 -3.35 5.57 14.03
CA MET A 3 -2.60 4.38 13.63
C MET A 3 -3.28 3.68 12.45
N ALA A 4 -4.62 3.66 12.44
CA ALA A 4 -5.37 3.05 11.35
C ALA A 4 -5.04 3.70 10.00
N MET A 5 -4.92 5.04 10.00
CA MET A 5 -4.65 5.85 8.83
C MET A 5 -3.16 5.77 8.50
N ARG A 6 -2.31 5.84 9.52
CA ARG A 6 -0.88 5.58 9.38
C ARG A 6 -0.68 4.29 8.59
N SER A 7 -1.34 3.23 9.04
CA SER A 7 -1.21 1.90 8.45
C SER A 7 -1.80 1.84 7.05
N THR A 8 -3.00 2.39 6.83
CA THR A 8 -3.57 2.41 5.47
C THR A 8 -2.59 3.12 4.53
N PHE A 9 -2.06 4.27 4.93
CA PHE A 9 -1.14 5.03 4.12
C PHE A 9 0.12 4.20 3.84
N ALA A 10 0.74 3.71 4.92
CA ALA A 10 1.95 2.89 4.87
C ALA A 10 1.75 1.63 4.03
N ALA A 11 0.50 1.19 3.83
CA ALA A 11 0.21 0.18 2.82
C ALA A 11 0.14 0.81 1.43
N ARG A 12 -0.72 1.81 1.23
CA ARG A 12 -1.02 2.35 -0.09
C ARG A 12 0.17 3.04 -0.75
N VAL A 13 1.25 3.36 -0.03
CA VAL A 13 2.52 3.69 -0.68
C VAL A 13 2.87 2.65 -1.76
N GLY A 14 2.68 1.36 -1.44
CA GLY A 14 3.03 0.24 -2.29
C GLY A 14 1.80 -0.47 -2.86
N ALA A 15 0.65 -0.36 -2.17
CA ALA A 15 -0.61 -1.06 -2.43
C ALA A 15 -0.51 -2.50 -1.95
N LYS A 16 0.47 -3.17 -2.53
CA LYS A 16 1.01 -4.50 -2.23
C LYS A 16 0.71 -5.01 -0.80
N PRO A 17 1.15 -4.31 0.24
CA PRO A 17 0.84 -4.57 1.64
C PRO A 17 -0.57 -5.02 1.94
N ALA A 18 -1.51 -4.37 1.29
CA ALA A 18 -2.94 -4.52 1.47
C ALA A 18 -3.60 -5.48 0.48
N VAL A 19 -2.81 -6.26 -0.27
CA VAL A 19 -3.36 -7.23 -1.23
C VAL A 19 -2.54 -8.52 -1.32
N ARG A 20 -1.24 -8.33 -1.36
CA ARG A 20 -0.19 -9.35 -1.37
C ARG A 20 0.24 -9.60 0.06
N GLY A 21 0.50 -8.54 0.83
CA GLY A 21 0.76 -8.67 2.25
C GLY A 21 -0.46 -9.28 2.92
N ALA A 22 -1.58 -8.55 2.94
CA ALA A 22 -2.88 -9.09 3.34
C ALA A 22 -3.44 -9.99 2.23
N ARG A 23 -2.71 -11.05 1.89
CA ARG A 23 -3.24 -12.16 1.11
C ARG A 23 -4.12 -12.98 2.06
N PRO A 24 -3.54 -13.76 2.96
CA PRO A 24 -4.12 -14.21 4.20
C PRO A 24 -3.98 -13.05 5.21
N ALA A 25 -3.83 -13.36 6.49
CA ALA A 25 -3.87 -12.37 7.57
C ALA A 25 -2.52 -11.68 7.81
N SER A 26 -1.53 -11.85 6.93
CA SER A 26 -0.17 -11.36 7.13
C SER A 26 -0.07 -9.85 6.89
N ARG A 27 -0.71 -9.06 7.76
CA ARG A 27 -0.55 -7.62 7.86
C ARG A 27 -0.51 -7.28 9.34
N MET A 28 -1.37 -6.36 9.77
CA MET A 28 -1.46 -5.88 11.15
C MET A 28 -2.90 -5.44 11.41
N SER A 29 -3.18 -4.15 11.34
CA SER A 29 -4.50 -3.55 11.44
C SER A 29 -4.41 -2.20 10.75
N CYS A 30 -5.54 -1.60 10.38
CA CYS A 30 -5.56 -0.46 9.48
C CYS A 30 -6.98 0.05 9.32
N MET A 31 -7.10 1.21 8.66
CA MET A 31 -8.37 1.71 8.17
C MET A 31 -8.85 0.85 7.00
N ALA A 32 -7.92 0.50 6.10
CA ALA A 32 -8.14 -0.38 4.96
C ALA A 32 -6.76 -0.85 4.53
N MET A 1 -8.78 6.03 13.15
CA MET A 1 -7.84 6.54 14.16
C MET A 1 -6.49 6.79 13.50
N ALA A 2 -5.60 7.54 14.16
CA ALA A 2 -4.34 7.99 13.57
C ALA A 2 -3.50 6.83 13.09
N MET A 3 -3.39 5.86 13.97
CA MET A 3 -2.65 4.62 13.79
C MET A 3 -3.19 3.90 12.55
N ALA A 4 -4.50 3.70 12.51
CA ALA A 4 -5.16 3.03 11.39
C ALA A 4 -4.86 3.77 10.08
N MET A 5 -5.04 5.10 10.07
CA MET A 5 -4.77 5.91 8.89
C MET A 5 -3.32 5.73 8.44
N ARG A 6 -2.38 5.90 9.37
CA ARG A 6 -0.95 5.71 9.13
C ARG A 6 -0.71 4.35 8.47
N SER A 7 -1.36 3.31 8.99
CA SER A 7 -1.22 1.95 8.47
C SER A 7 -1.76 1.88 7.04
N THR A 8 -2.96 2.41 6.84
CA THR A 8 -3.61 2.52 5.54
C THR A 8 -2.66 3.18 4.53
N PHE A 9 -1.98 4.26 4.96
CA PHE A 9 -1.04 4.97 4.11
C PHE A 9 0.18 4.10 3.83
N ALA A 10 0.77 3.52 4.89
CA ALA A 10 1.93 2.65 4.79
C ALA A 10 1.66 1.47 3.85
N ALA A 11 0.42 0.97 3.80
CA ALA A 11 0.02 0.00 2.81
C ALA A 11 0.04 0.64 1.42
N ARG A 12 -0.77 1.69 1.21
CA ARG A 12 -0.98 2.29 -0.10
C ARG A 12 0.30 2.84 -0.73
N VAL A 13 1.29 3.25 0.08
CA VAL A 13 2.52 3.93 -0.33
C VAL A 13 3.05 3.47 -1.69
N GLY A 14 3.14 2.16 -1.88
CA GLY A 14 3.36 1.51 -3.16
C GLY A 14 2.54 0.23 -3.24
N ALA A 15 1.32 0.29 -2.69
CA ALA A 15 0.43 -0.84 -2.47
C ALA A 15 1.21 -2.04 -1.92
N LYS A 16 2.03 -1.76 -0.91
CA LYS A 16 2.98 -2.67 -0.27
C LYS A 16 2.52 -4.13 -0.20
N PRO A 17 1.38 -4.41 0.44
CA PRO A 17 0.73 -5.70 0.48
C PRO A 17 0.79 -6.49 -0.82
N ALA A 18 0.41 -5.81 -1.87
CA ALA A 18 0.30 -6.35 -3.21
C ALA A 18 1.65 -6.60 -3.87
N VAL A 19 2.71 -6.04 -3.30
CA VAL A 19 4.10 -6.29 -3.67
C VAL A 19 4.62 -7.59 -3.05
N ARG A 20 3.90 -8.08 -2.06
CA ARG A 20 4.14 -9.36 -1.40
C ARG A 20 3.20 -10.40 -2.01
N GLY A 21 1.94 -10.03 -2.25
CA GLY A 21 1.01 -10.82 -3.05
C GLY A 21 1.62 -11.19 -4.40
N ALA A 22 2.01 -10.18 -5.19
CA ALA A 22 2.72 -10.41 -6.45
C ALA A 22 4.17 -10.78 -6.15
N ARG A 23 4.38 -12.00 -5.67
CA ARG A 23 5.71 -12.57 -5.48
C ARG A 23 6.49 -12.52 -6.80
N PRO A 24 6.12 -13.35 -7.77
CA PRO A 24 6.52 -13.29 -9.14
C PRO A 24 5.71 -12.21 -9.85
N ALA A 25 5.89 -12.16 -11.16
CA ALA A 25 5.38 -11.12 -12.05
C ALA A 25 5.60 -9.72 -11.44
N SER A 26 6.77 -9.54 -10.84
CA SER A 26 7.08 -8.45 -9.93
C SER A 26 7.21 -7.12 -10.67
N ARG A 27 6.10 -6.38 -10.77
CA ARG A 27 6.06 -5.01 -11.25
C ARG A 27 6.18 -4.11 -10.02
N MET A 28 5.20 -3.22 -9.81
CA MET A 28 4.94 -2.75 -8.45
C MET A 28 4.31 -3.95 -7.74
N SER A 29 3.04 -4.22 -8.03
CA SER A 29 2.43 -5.50 -7.76
C SER A 29 2.59 -6.37 -9.00
N CYS A 30 1.47 -6.65 -9.64
CA CYS A 30 1.38 -7.14 -11.02
C CYS A 30 0.25 -6.38 -11.68
N MET A 31 0.34 -6.26 -13.01
CA MET A 31 -0.47 -5.41 -13.88
C MET A 31 -0.18 -3.92 -13.63
N ALA A 32 -0.13 -3.49 -12.36
CA ALA A 32 0.55 -2.30 -11.91
C ALA A 32 1.71 -2.75 -11.03
N MET A 1 -1.48 10.57 13.42
CA MET A 1 -2.86 10.56 12.92
C MET A 1 -3.51 9.33 13.56
N ALA A 2 -4.60 8.76 13.01
CA ALA A 2 -5.08 7.49 13.51
C ALA A 2 -4.06 6.41 13.13
N MET A 3 -4.00 5.34 13.93
CA MET A 3 -3.25 4.14 13.58
C MET A 3 -3.76 3.59 12.24
N ALA A 4 -5.08 3.72 12.02
CA ALA A 4 -5.72 3.35 10.76
C ALA A 4 -5.08 4.14 9.62
N MET A 5 -4.92 5.45 9.80
CA MET A 5 -4.33 6.32 8.80
C MET A 5 -2.90 5.85 8.54
N ARG A 6 -2.08 5.76 9.60
CA ARG A 6 -0.69 5.33 9.45
C ARG A 6 -0.60 4.01 8.69
N SER A 7 -1.31 2.98 9.16
CA SER A 7 -1.25 1.65 8.57
C SER A 7 -1.69 1.69 7.10
N THR A 8 -2.93 2.13 6.85
CA THR A 8 -3.49 2.16 5.51
C THR A 8 -2.54 2.93 4.59
N PHE A 9 -2.03 4.07 5.06
CA PHE A 9 -1.16 4.92 4.28
C PHE A 9 0.12 4.18 3.94
N ALA A 10 0.83 3.67 4.96
CA ALA A 10 2.09 2.96 4.78
C ALA A 10 1.92 1.75 3.88
N ALA A 11 0.74 1.11 3.89
CA ALA A 11 0.44 0.06 2.93
C ALA A 11 0.27 0.66 1.52
N ARG A 12 -0.64 1.63 1.37
CA ARG A 12 -1.13 2.06 0.06
C ARG A 12 -0.09 2.90 -0.70
N VAL A 13 0.84 3.58 -0.01
CA VAL A 13 1.91 4.28 -0.72
C VAL A 13 2.66 3.25 -1.60
N GLY A 14 2.64 3.48 -2.91
CA GLY A 14 3.17 2.57 -3.93
C GLY A 14 2.61 1.15 -3.83
N ALA A 15 1.50 0.95 -3.09
CA ALA A 15 0.99 -0.34 -2.67
C ALA A 15 2.13 -1.26 -2.20
N LYS A 16 3.03 -0.71 -1.37
CA LYS A 16 4.20 -1.36 -0.78
C LYS A 16 4.13 -2.90 -0.73
N PRO A 17 3.21 -3.47 0.05
CA PRO A 17 2.92 -4.89 0.15
C PRO A 17 3.06 -5.71 -1.12
N ALA A 18 2.50 -5.15 -2.17
CA ALA A 18 2.33 -5.74 -3.49
C ALA A 18 3.35 -5.23 -4.50
N VAL A 19 4.46 -4.65 -4.04
CA VAL A 19 5.59 -4.30 -4.90
C VAL A 19 6.93 -4.68 -4.27
N ARG A 20 7.03 -4.43 -2.98
CA ARG A 20 8.20 -4.65 -2.14
C ARG A 20 9.42 -3.96 -2.77
N GLY A 21 10.47 -4.70 -3.13
CA GLY A 21 11.61 -4.18 -3.88
C GLY A 21 11.57 -4.74 -5.29
N ALA A 22 10.37 -4.86 -5.85
CA ALA A 22 10.08 -5.50 -7.12
C ALA A 22 9.04 -4.65 -7.85
N ARG A 23 8.65 -5.06 -9.06
CA ARG A 23 7.53 -4.46 -9.76
C ARG A 23 6.25 -5.24 -9.39
N PRO A 24 5.94 -6.36 -10.04
CA PRO A 24 4.77 -7.15 -9.78
C PRO A 24 4.89 -7.99 -8.51
N ALA A 25 3.97 -7.64 -7.62
CA ALA A 25 3.41 -8.46 -6.56
C ALA A 25 4.32 -8.65 -5.36
N SER A 26 3.77 -9.29 -4.31
CA SER A 26 4.42 -9.54 -3.03
C SER A 26 5.48 -10.64 -3.14
N ARG A 27 6.53 -10.40 -3.91
CA ARG A 27 7.77 -11.14 -3.81
C ARG A 27 8.60 -10.44 -2.74
N MET A 28 9.83 -10.07 -3.09
CA MET A 28 10.66 -9.13 -2.34
C MET A 28 11.55 -8.44 -3.36
N SER A 29 12.54 -9.20 -3.85
CA SER A 29 13.43 -8.83 -4.95
C SER A 29 14.27 -7.60 -4.61
N CYS A 30 14.82 -7.00 -5.67
CA CYS A 30 15.63 -5.80 -5.69
C CYS A 30 15.61 -5.23 -7.10
N MET A 31 15.89 -6.12 -8.06
CA MET A 31 15.96 -5.79 -9.48
C MET A 31 14.59 -5.39 -10.03
N ALA A 32 13.61 -6.29 -9.95
CA ALA A 32 12.31 -6.14 -10.57
C ALA A 32 11.37 -7.21 -10.01
N MET A 1 -7.71 4.52 15.98
CA MET A 1 -6.77 5.60 16.32
C MET A 1 -5.93 5.92 15.08
N ALA A 2 -5.12 6.98 15.11
CA ALA A 2 -4.39 7.48 13.94
C ALA A 2 -3.52 6.42 13.28
N MET A 3 -3.06 5.49 14.09
CA MET A 3 -2.35 4.28 13.72
C MET A 3 -3.02 3.61 12.51
N ALA A 4 -4.35 3.52 12.50
CA ALA A 4 -5.08 2.92 11.40
C ALA A 4 -4.83 3.68 10.09
N MET A 5 -4.86 5.01 10.15
CA MET A 5 -4.68 5.87 8.99
C MET A 5 -3.23 5.77 8.53
N ARG A 6 -2.29 5.88 9.46
CA ARG A 6 -0.88 5.67 9.20
C ARG A 6 -0.67 4.33 8.48
N SER A 7 -1.26 3.27 9.02
CA SER A 7 -1.15 1.93 8.46
C SER A 7 -1.72 1.92 7.04
N THR A 8 -2.94 2.41 6.84
CA THR A 8 -3.58 2.33 5.54
C THR A 8 -2.75 3.14 4.52
N PHE A 9 -2.24 4.29 4.94
CA PHE A 9 -1.41 5.13 4.09
C PHE A 9 -0.15 4.37 3.67
N ALA A 10 0.58 3.85 4.66
CA ALA A 10 1.77 3.03 4.41
C ALA A 10 1.43 1.86 3.49
N ALA A 11 0.26 1.24 3.70
CA ALA A 11 -0.23 0.14 2.90
C ALA A 11 -0.21 0.58 1.43
N ARG A 12 -0.85 1.70 1.10
CA ARG A 12 -0.80 2.21 -0.28
C ARG A 12 0.62 2.56 -0.69
N VAL A 13 1.38 3.29 0.13
CA VAL A 13 2.65 3.86 -0.28
C VAL A 13 3.60 2.75 -0.76
N GLY A 14 3.62 1.62 -0.05
CA GLY A 14 4.38 0.46 -0.49
C GLY A 14 3.57 -0.43 -1.43
N ALA A 15 2.24 -0.41 -1.31
CA ALA A 15 1.31 -1.38 -1.87
C ALA A 15 1.75 -2.79 -1.44
N LYS A 16 2.19 -2.87 -0.18
CA LYS A 16 2.89 -4.02 0.40
C LYS A 16 2.76 -4.14 1.93
N PRO A 17 3.49 -3.33 2.69
CA PRO A 17 3.86 -3.61 4.07
C PRO A 17 2.64 -3.84 4.94
N ALA A 18 1.88 -2.78 5.02
CA ALA A 18 0.63 -2.70 5.74
C ALA A 18 -0.56 -3.20 4.90
N VAL A 19 -0.30 -3.87 3.78
CA VAL A 19 -1.31 -4.61 3.03
C VAL A 19 -1.33 -6.04 3.51
N ARG A 20 -0.14 -6.61 3.48
CA ARG A 20 0.12 -7.98 3.90
C ARG A 20 0.08 -8.06 5.43
N GLY A 21 0.88 -7.22 6.10
CA GLY A 21 1.00 -7.28 7.55
C GLY A 21 -0.25 -6.72 8.23
N ALA A 22 -0.46 -5.40 8.15
CA ALA A 22 -1.51 -4.71 8.88
C ALA A 22 -2.84 -4.80 8.13
N ARG A 23 -3.26 -6.04 7.86
CA ARG A 23 -4.60 -6.37 7.45
C ARG A 23 -5.51 -6.19 8.68
N PRO A 24 -5.41 -7.08 9.66
CA PRO A 24 -5.89 -6.90 11.03
C PRO A 24 -4.90 -5.97 11.76
N ALA A 25 -4.51 -6.32 12.99
CA ALA A 25 -3.43 -5.72 13.78
C ALA A 25 -3.77 -4.31 14.23
N SER A 26 -3.95 -3.38 13.29
CA SER A 26 -4.47 -2.04 13.59
C SER A 26 -5.34 -1.51 12.45
N ARG A 27 -5.87 -2.41 11.61
CA ARG A 27 -6.98 -2.14 10.73
C ARG A 27 -7.90 -3.36 10.80
N MET A 28 -8.44 -3.74 9.65
CA MET A 28 -9.30 -4.88 9.38
C MET A 28 -9.29 -5.07 7.86
N SER A 29 -9.54 -3.94 7.18
CA SER A 29 -9.27 -3.58 5.80
C SER A 29 -9.70 -2.11 5.68
N CYS A 30 -9.40 -1.44 4.56
CA CYS A 30 -9.82 -0.07 4.30
C CYS A 30 -10.33 0.03 2.86
N MET A 31 -9.45 -0.31 1.92
CA MET A 31 -9.78 -0.61 0.54
C MET A 31 -8.79 -1.70 0.12
N ALA A 32 -7.50 -1.34 0.25
CA ALA A 32 -6.48 -2.30 0.63
C ALA A 32 -6.52 -2.46 2.15
N MET A 1 -7.60 5.51 16.86
CA MET A 1 -6.71 6.66 16.63
C MET A 1 -6.03 6.49 15.27
N ALA A 2 -5.07 7.34 14.91
CA ALA A 2 -4.48 7.38 13.57
C ALA A 2 -3.54 6.21 13.27
N MET A 3 -3.64 5.12 14.02
CA MET A 3 -3.01 3.85 13.71
C MET A 3 -3.58 3.36 12.37
N ALA A 4 -4.90 3.42 12.24
CA ALA A 4 -5.58 3.05 11.00
C ALA A 4 -5.01 3.89 9.84
N MET A 5 -4.93 5.21 10.03
CA MET A 5 -4.45 6.13 9.03
C MET A 5 -3.03 5.79 8.60
N ARG A 6 -2.09 5.75 9.56
CA ARG A 6 -0.69 5.53 9.22
C ARG A 6 -0.53 4.17 8.53
N SER A 7 -1.16 3.14 9.11
CA SER A 7 -1.18 1.80 8.54
C SER A 7 -1.66 1.83 7.08
N THR A 8 -2.88 2.32 6.83
CA THR A 8 -3.48 2.26 5.50
C THR A 8 -2.64 3.07 4.53
N PHE A 9 -2.17 4.23 4.99
CA PHE A 9 -1.35 5.12 4.19
C PHE A 9 -0.06 4.41 3.77
N ALA A 10 0.68 3.87 4.74
CA ALA A 10 1.91 3.13 4.49
C ALA A 10 1.65 1.98 3.52
N ALA A 11 0.59 1.21 3.78
CA ALA A 11 0.19 0.11 2.91
C ALA A 11 0.00 0.62 1.48
N ARG A 12 -0.84 1.64 1.28
CA ARG A 12 -1.08 2.21 -0.04
C ARG A 12 0.22 2.66 -0.69
N VAL A 13 1.06 3.38 0.05
CA VAL A 13 2.34 3.87 -0.45
C VAL A 13 3.20 2.73 -0.96
N GLY A 14 3.35 1.65 -0.18
CA GLY A 14 4.06 0.47 -0.66
C GLY A 14 3.34 -0.13 -1.87
N ALA A 15 2.01 -0.16 -1.79
CA ALA A 15 1.14 -0.85 -2.74
C ALA A 15 0.87 0.04 -3.96
N LYS A 16 1.96 0.41 -4.61
CA LYS A 16 2.01 1.04 -5.93
C LYS A 16 3.33 0.60 -6.60
N PRO A 17 4.47 0.94 -6.00
CA PRO A 17 5.76 0.30 -6.19
C PRO A 17 5.63 -1.21 -6.30
N ALA A 18 5.11 -1.78 -5.24
CA ALA A 18 4.86 -3.21 -5.08
C ALA A 18 3.59 -3.63 -5.83
N VAL A 19 3.38 -3.09 -7.04
CA VAL A 19 2.30 -3.44 -7.95
C VAL A 19 2.81 -3.28 -9.37
N ARG A 20 3.31 -2.07 -9.59
CA ARG A 20 3.95 -1.52 -10.78
C ARG A 20 2.93 -1.31 -11.90
N GLY A 21 2.19 -2.37 -12.24
CA GLY A 21 1.45 -2.52 -13.48
C GLY A 21 2.16 -3.59 -14.29
N ALA A 22 2.27 -4.79 -13.72
CA ALA A 22 3.16 -5.86 -14.17
C ALA A 22 2.61 -6.57 -15.42
N ARG A 23 2.43 -5.82 -16.51
CA ARG A 23 2.11 -6.35 -17.82
C ARG A 23 3.43 -6.67 -18.54
N PRO A 24 4.07 -5.69 -19.18
CA PRO A 24 5.33 -5.85 -19.85
C PRO A 24 6.42 -6.18 -18.84
N ALA A 25 6.88 -7.40 -19.01
CA ALA A 25 7.88 -8.11 -18.25
C ALA A 25 8.25 -9.36 -19.05
N SER A 26 9.33 -10.05 -18.67
CA SER A 26 9.89 -11.16 -19.42
C SER A 26 9.01 -12.41 -19.35
N ARG A 27 7.84 -12.38 -19.99
CA ARG A 27 7.00 -13.56 -20.17
C ARG A 27 7.64 -14.48 -21.21
N MET A 28 7.96 -13.82 -22.31
CA MET A 28 9.04 -14.15 -23.22
C MET A 28 10.04 -13.00 -23.05
N SER A 29 9.98 -12.01 -23.93
CA SER A 29 10.12 -10.63 -23.51
C SER A 29 8.74 -10.20 -22.97
N CYS A 30 8.40 -8.92 -23.14
CA CYS A 30 7.00 -8.53 -23.18
C CYS A 30 6.37 -9.08 -24.46
N MET A 31 5.08 -8.81 -24.64
CA MET A 31 4.32 -9.17 -25.83
C MET A 31 3.28 -8.09 -26.08
N ALA A 32 2.44 -7.84 -25.08
CA ALA A 32 1.46 -6.78 -25.00
C ALA A 32 1.11 -6.65 -23.52
N MET A 1 -8.58 5.49 15.36
CA MET A 1 -7.61 6.57 15.60
C MET A 1 -6.61 6.58 14.45
N ALA A 2 -5.70 7.56 14.39
CA ALA A 2 -4.83 7.78 13.23
C ALA A 2 -3.80 6.68 12.99
N MET A 3 -3.77 5.69 13.86
CA MET A 3 -3.11 4.42 13.64
C MET A 3 -3.63 3.80 12.34
N ALA A 4 -4.95 3.87 12.13
CA ALA A 4 -5.57 3.36 10.93
C ALA A 4 -5.01 4.07 9.70
N MET A 5 -4.96 5.40 9.75
CA MET A 5 -4.44 6.21 8.66
C MET A 5 -2.98 5.86 8.39
N ARG A 6 -2.17 5.82 9.44
CA ARG A 6 -0.77 5.43 9.35
C ARG A 6 -0.66 4.08 8.62
N SER A 7 -1.43 3.10 9.10
CA SER A 7 -1.40 1.74 8.56
C SER A 7 -1.78 1.74 7.08
N THR A 8 -2.91 2.35 6.73
CA THR A 8 -3.36 2.37 5.34
C THR A 8 -2.32 3.09 4.49
N PHE A 9 -1.78 4.21 4.99
CA PHE A 9 -0.80 4.99 4.28
C PHE A 9 0.44 4.14 3.98
N ALA A 10 0.95 3.42 4.98
CA ALA A 10 2.07 2.51 4.81
C ALA A 10 1.73 1.41 3.80
N ALA A 11 0.56 0.78 3.94
CA ALA A 11 0.11 -0.30 3.07
C ALA A 11 0.05 0.15 1.61
N ARG A 12 -0.56 1.32 1.39
CA ARG A 12 -0.76 1.93 0.10
C ARG A 12 0.55 2.50 -0.42
N VAL A 13 1.00 3.59 0.19
CA VAL A 13 1.82 4.63 -0.41
C VAL A 13 1.47 4.77 -1.89
N GLY A 14 2.33 4.34 -2.83
CA GLY A 14 2.00 4.29 -4.25
C GLY A 14 1.10 3.09 -4.55
N ALA A 15 -0.03 2.98 -3.84
CA ALA A 15 -0.93 1.84 -3.73
C ALA A 15 -0.31 0.51 -4.15
N LYS A 16 0.73 0.06 -3.41
CA LYS A 16 1.54 -1.08 -3.82
C LYS A 16 1.78 -2.09 -2.69
N PRO A 17 2.69 -1.83 -1.74
CA PRO A 17 3.21 -2.73 -0.72
C PRO A 17 2.28 -3.82 -0.25
N ALA A 18 1.21 -3.38 0.41
CA ALA A 18 0.12 -4.23 0.88
C ALA A 18 -1.17 -3.84 0.17
N VAL A 19 -1.09 -3.75 -1.15
CA VAL A 19 -2.23 -3.64 -2.07
C VAL A 19 -2.11 -4.73 -3.12
N ARG A 20 -0.96 -4.69 -3.76
CA ARG A 20 -0.48 -5.56 -4.83
C ARG A 20 -1.09 -6.96 -4.76
N GLY A 21 -0.76 -7.72 -3.72
CA GLY A 21 -1.25 -9.08 -3.51
C GLY A 21 -2.20 -9.19 -2.31
N ALA A 22 -2.86 -8.09 -1.95
CA ALA A 22 -3.68 -8.03 -0.75
C ALA A 22 -5.01 -8.74 -0.96
N ARG A 23 -4.97 -10.08 -0.94
CA ARG A 23 -6.15 -10.93 -0.81
C ARG A 23 -5.87 -12.01 0.24
N PRO A 24 -5.22 -13.10 -0.13
CA PRO A 24 -4.76 -14.16 0.74
C PRO A 24 -3.43 -13.75 1.38
N ALA A 25 -2.88 -14.73 2.09
CA ALA A 25 -1.53 -14.73 2.66
C ALA A 25 -0.77 -15.92 2.08
N SER A 26 -0.95 -16.14 0.77
CA SER A 26 -0.52 -17.36 0.10
C SER A 26 -0.76 -17.21 -1.40
N ARG A 27 0.19 -16.61 -2.11
CA ARG A 27 0.31 -16.65 -3.56
C ARG A 27 1.47 -17.57 -3.88
N MET A 28 2.45 -17.09 -4.64
CA MET A 28 3.68 -17.83 -4.94
C MET A 28 4.39 -18.20 -3.63
N SER A 29 4.49 -17.23 -2.73
CA SER A 29 4.88 -17.41 -1.35
C SER A 29 3.77 -16.89 -0.44
N CYS A 30 4.07 -16.75 0.86
CA CYS A 30 3.16 -16.11 1.80
C CYS A 30 3.06 -14.62 1.49
N MET A 31 4.23 -13.97 1.52
CA MET A 31 4.37 -12.52 1.39
C MET A 31 4.22 -12.11 -0.08
N ALA A 32 5.05 -12.66 -0.96
CA ALA A 32 4.97 -12.41 -2.39
C ALA A 32 3.94 -13.38 -2.95
N MET A 1 -7.55 4.39 16.60
CA MET A 1 -6.77 5.64 16.63
C MET A 1 -6.07 5.82 15.28
N ALA A 2 -5.43 6.98 15.06
CA ALA A 2 -4.92 7.38 13.75
C ALA A 2 -3.79 6.51 13.21
N MET A 3 -3.28 5.62 14.04
CA MET A 3 -2.41 4.54 13.64
C MET A 3 -3.06 3.75 12.49
N ALA A 4 -4.38 3.59 12.52
CA ALA A 4 -5.11 2.96 11.42
C ALA A 4 -4.83 3.70 10.11
N MET A 5 -4.94 5.02 10.12
CA MET A 5 -4.74 5.84 8.92
C MET A 5 -3.27 5.75 8.50
N ARG A 6 -2.34 5.89 9.45
CA ARG A 6 -0.92 5.72 9.16
C ARG A 6 -0.67 4.38 8.46
N SER A 7 -1.26 3.30 9.00
CA SER A 7 -1.09 1.95 8.47
C SER A 7 -1.67 1.85 7.07
N THR A 8 -2.91 2.32 6.88
CA THR A 8 -3.56 2.27 5.57
C THR A 8 -2.71 3.05 4.56
N PHE A 9 -2.22 4.23 4.94
CA PHE A 9 -1.41 5.06 4.09
C PHE A 9 -0.10 4.33 3.74
N ALA A 10 0.57 3.78 4.75
CA ALA A 10 1.77 2.98 4.55
C ALA A 10 1.50 1.85 3.55
N ALA A 11 0.35 1.18 3.67
CA ALA A 11 -0.04 0.15 2.72
C ALA A 11 -0.17 0.74 1.31
N ARG A 12 -0.83 1.89 1.14
CA ARG A 12 -0.91 2.54 -0.17
C ARG A 12 0.49 2.78 -0.73
N VAL A 13 1.37 3.41 0.05
CA VAL A 13 2.75 3.67 -0.36
C VAL A 13 3.43 2.35 -0.76
N GLY A 14 3.29 1.32 0.08
CA GLY A 14 3.78 -0.02 -0.21
C GLY A 14 3.31 -0.54 -1.57
N ALA A 15 2.17 -0.07 -2.06
CA ALA A 15 1.58 -0.52 -3.32
C ALA A 15 1.70 0.53 -4.42
N LYS A 16 2.68 1.43 -4.33
CA LYS A 16 2.94 2.44 -5.35
C LYS A 16 4.05 2.01 -6.32
N PRO A 17 5.33 2.29 -6.04
CA PRO A 17 6.47 2.04 -6.89
C PRO A 17 6.54 0.56 -7.19
N ALA A 18 6.60 0.33 -8.49
CA ALA A 18 6.60 -0.95 -9.18
C ALA A 18 5.33 -1.78 -8.89
N VAL A 19 4.25 -1.11 -8.47
CA VAL A 19 2.95 -1.72 -8.22
C VAL A 19 1.93 -0.88 -8.98
N ARG A 20 1.01 -0.22 -8.26
CA ARG A 20 0.02 0.68 -8.85
C ARG A 20 0.73 1.68 -9.77
N GLY A 21 1.87 2.17 -9.28
CA GLY A 21 2.82 2.98 -10.02
C GLY A 21 2.97 2.54 -11.47
N ALA A 22 3.15 1.24 -11.71
CA ALA A 22 3.41 0.67 -13.02
C ALA A 22 2.14 0.53 -13.86
N ARG A 23 1.43 1.64 -14.02
CA ARG A 23 0.38 1.79 -15.02
C ARG A 23 0.85 2.85 -16.02
N PRO A 24 0.68 4.13 -15.72
CA PRO A 24 1.24 5.25 -16.44
C PRO A 24 2.73 5.35 -16.09
N ALA A 25 3.30 6.55 -16.16
CA ALA A 25 4.75 6.76 -16.07
C ALA A 25 5.33 6.41 -14.70
N SER A 26 4.51 6.36 -13.64
CA SER A 26 4.93 6.35 -12.25
C SER A 26 5.51 5.00 -11.77
N ARG A 27 6.35 4.34 -12.57
CA ARG A 27 6.94 3.06 -12.18
C ARG A 27 7.85 3.21 -10.97
N MET A 28 8.71 4.22 -11.11
CA MET A 28 9.87 4.56 -10.30
C MET A 28 10.88 3.42 -10.40
N SER A 29 10.51 2.29 -9.83
CA SER A 29 11.22 1.01 -9.84
C SER A 29 12.48 1.05 -8.96
N CYS A 30 12.95 -0.15 -8.64
CA CYS A 30 14.12 -0.46 -7.84
C CYS A 30 14.95 -1.55 -8.53
N MET A 31 14.25 -2.56 -9.03
CA MET A 31 14.80 -3.68 -9.79
C MET A 31 13.75 -4.10 -10.81
N ALA A 32 12.57 -4.48 -10.29
CA ALA A 32 11.32 -4.15 -10.94
C ALA A 32 10.95 -2.73 -10.47
N MET A 1 -8.10 5.19 15.77
CA MET A 1 -7.17 6.32 15.95
C MET A 1 -6.34 6.45 14.67
N ALA A 2 -5.49 7.50 14.58
CA ALA A 2 -4.70 7.77 13.38
C ALA A 2 -3.66 6.69 13.04
N MET A 3 -3.51 5.73 13.95
CA MET A 3 -2.86 4.46 13.71
C MET A 3 -3.41 3.82 12.43
N ALA A 4 -4.73 3.83 12.27
CA ALA A 4 -5.39 3.27 11.11
C ALA A 4 -4.94 3.99 9.84
N MET A 5 -4.97 5.33 9.85
CA MET A 5 -4.56 6.15 8.73
C MET A 5 -3.08 5.87 8.39
N ARG A 6 -2.21 5.86 9.40
CA ARG A 6 -0.80 5.54 9.22
C ARG A 6 -0.66 4.18 8.53
N SER A 7 -1.31 3.17 9.11
CA SER A 7 -1.25 1.80 8.60
C SER A 7 -1.70 1.75 7.14
N THR A 8 -2.88 2.29 6.83
CA THR A 8 -3.40 2.24 5.47
C THR A 8 -2.47 3.02 4.55
N PHE A 9 -1.98 4.18 4.99
CA PHE A 9 -1.09 4.99 4.19
C PHE A 9 0.19 4.22 3.89
N ALA A 10 0.74 3.49 4.86
CA ALA A 10 1.90 2.64 4.62
C ALA A 10 1.55 1.50 3.65
N ALA A 11 0.38 0.88 3.81
CA ALA A 11 -0.05 -0.21 2.94
C ALA A 11 -0.16 0.27 1.48
N ARG A 12 -0.73 1.46 1.28
CA ARG A 12 -0.72 2.16 0.00
C ARG A 12 0.73 2.42 -0.41
N VAL A 13 1.38 3.35 0.30
CA VAL A 13 2.35 4.29 -0.23
C VAL A 13 1.98 4.61 -1.69
N GLY A 14 2.86 4.38 -2.68
CA GLY A 14 2.50 4.55 -4.08
C GLY A 14 1.64 3.38 -4.60
N ALA A 15 0.60 3.00 -3.86
CA ALA A 15 -0.21 1.79 -4.00
C ALA A 15 0.64 0.60 -4.45
N LYS A 16 1.44 0.06 -3.53
CA LYS A 16 2.33 -1.08 -3.80
C LYS A 16 2.03 -2.30 -2.89
N PRO A 17 2.34 -2.25 -1.60
CA PRO A 17 2.05 -3.31 -0.64
C PRO A 17 0.63 -3.83 -0.77
N ALA A 18 -0.28 -2.89 -0.70
CA ALA A 18 -1.73 -3.07 -0.89
C ALA A 18 -2.11 -3.35 -2.36
N VAL A 19 -1.21 -3.92 -3.15
CA VAL A 19 -1.44 -4.34 -4.52
C VAL A 19 -0.79 -5.70 -4.72
N ARG A 20 0.50 -5.69 -4.49
CA ARG A 20 1.37 -6.87 -4.47
C ARG A 20 0.80 -7.93 -3.51
N GLY A 21 0.35 -7.49 -2.34
CA GLY A 21 -0.32 -8.34 -1.36
C GLY A 21 -1.83 -8.32 -1.51
N ALA A 22 -2.37 -7.96 -2.67
CA ALA A 22 -3.81 -7.84 -2.88
C ALA A 22 -4.17 -7.94 -4.37
N ARG A 23 -3.57 -8.89 -5.07
CA ARG A 23 -3.91 -9.25 -6.44
C ARG A 23 -3.47 -10.70 -6.63
N PRO A 24 -2.17 -10.94 -6.72
CA PRO A 24 -1.51 -12.12 -6.22
C PRO A 24 -1.39 -11.93 -4.71
N ALA A 25 -0.40 -12.57 -4.09
CA ALA A 25 -0.09 -12.43 -2.68
C ALA A 25 1.43 -12.46 -2.49
N SER A 26 2.04 -11.28 -2.43
CA SER A 26 3.43 -11.04 -2.03
C SER A 26 4.06 -12.18 -1.25
N ARG A 27 5.10 -12.81 -1.80
CA ARG A 27 6.00 -13.74 -1.13
C ARG A 27 5.44 -15.14 -1.14
N MET A 28 4.24 -15.21 -0.61
CA MET A 28 3.39 -16.39 -0.48
C MET A 28 3.16 -17.02 -1.85
N SER A 29 2.40 -16.34 -2.72
CA SER A 29 2.06 -16.90 -4.02
C SER A 29 3.27 -16.94 -4.94
N CYS A 30 3.92 -15.79 -4.97
CA CYS A 30 4.93 -15.34 -5.89
C CYS A 30 5.29 -13.89 -5.54
N MET A 31 6.11 -13.25 -6.39
CA MET A 31 6.51 -11.86 -6.26
C MET A 31 7.17 -11.65 -4.89
N ALA A 32 6.81 -10.59 -4.16
CA ALA A 32 7.35 -10.23 -2.87
C ALA A 32 6.49 -9.09 -2.36
N MET A 1 -0.86 9.83 14.19
CA MET A 1 -2.20 10.09 13.67
C MET A 1 -3.10 8.95 14.16
N ALA A 2 -4.22 8.66 13.50
CA ALA A 2 -4.89 7.41 13.77
C ALA A 2 -3.98 6.30 13.28
N MET A 3 -3.80 5.27 14.11
CA MET A 3 -3.02 4.08 13.73
C MET A 3 -3.52 3.55 12.38
N ALA A 4 -4.84 3.63 12.16
CA ALA A 4 -5.48 3.17 10.94
C ALA A 4 -5.04 4.00 9.74
N MET A 5 -4.91 5.32 9.94
CA MET A 5 -4.47 6.22 8.89
C MET A 5 -3.03 5.85 8.54
N ARG A 6 -2.17 5.80 9.56
CA ARG A 6 -0.77 5.46 9.37
C ARG A 6 -0.61 4.13 8.62
N SER A 7 -1.26 3.07 9.11
CA SER A 7 -1.14 1.73 8.55
C SER A 7 -1.62 1.74 7.10
N THR A 8 -2.88 2.14 6.88
CA THR A 8 -3.45 2.13 5.54
C THR A 8 -2.57 2.96 4.61
N PHE A 9 -2.14 4.14 5.06
CA PHE A 9 -1.32 5.03 4.25
C PHE A 9 -0.04 4.32 3.85
N ALA A 10 0.71 3.79 4.83
CA ALA A 10 1.94 3.05 4.57
C ALA A 10 1.69 1.90 3.59
N ALA A 11 0.60 1.15 3.78
CA ALA A 11 0.21 0.09 2.87
C ALA A 11 0.05 0.62 1.46
N ARG A 12 -0.78 1.66 1.27
CA ARG A 12 -1.10 2.26 -0.02
C ARG A 12 0.16 2.80 -0.70
N VAL A 13 1.04 3.47 0.05
CA VAL A 13 2.31 3.98 -0.45
C VAL A 13 3.04 2.90 -1.24
N GLY A 14 3.27 1.74 -0.62
CA GLY A 14 3.90 0.63 -1.32
C GLY A 14 2.92 -0.07 -2.26
N ALA A 15 1.62 0.02 -1.94
CA ALA A 15 0.56 -0.85 -2.42
C ALA A 15 0.98 -2.32 -2.20
N LYS A 16 1.67 -2.56 -1.08
CA LYS A 16 2.45 -3.79 -0.86
C LYS A 16 2.42 -4.40 0.56
N PRO A 17 2.81 -3.67 1.60
CA PRO A 17 2.92 -4.15 2.98
C PRO A 17 1.80 -5.09 3.39
N ALA A 18 0.62 -4.50 3.41
CA ALA A 18 -0.64 -5.16 3.78
C ALA A 18 -1.26 -5.93 2.62
N VAL A 19 -0.48 -6.22 1.58
CA VAL A 19 -0.83 -7.17 0.52
C VAL A 19 -0.09 -8.47 0.77
N ARG A 20 1.20 -8.31 0.99
CA ARG A 20 2.06 -9.38 1.49
C ARG A 20 1.46 -9.92 2.77
N GLY A 21 1.37 -9.07 3.81
CA GLY A 21 0.82 -9.46 5.10
C GLY A 21 -0.64 -9.04 5.21
N ALA A 22 -1.49 -9.51 4.30
CA ALA A 22 -2.93 -9.26 4.35
C ALA A 22 -3.67 -10.27 5.24
N ARG A 23 -2.92 -11.11 5.94
CA ARG A 23 -3.45 -12.12 6.84
C ARG A 23 -4.10 -11.48 8.08
N PRO A 24 -3.30 -11.00 9.03
CA PRO A 24 -3.70 -10.31 10.22
C PRO A 24 -4.19 -8.91 9.88
N ALA A 25 -4.40 -8.14 10.92
CA ALA A 25 -5.14 -6.88 10.92
C ALA A 25 -4.28 -5.72 10.46
N SER A 26 -3.57 -5.87 9.34
CA SER A 26 -2.73 -4.84 8.72
C SER A 26 -3.61 -3.76 8.07
N ARG A 27 -4.47 -3.15 8.88
CA ARG A 27 -5.61 -2.33 8.49
C ARG A 27 -5.92 -1.38 9.64
N MET A 28 -6.04 -2.00 10.80
CA MET A 28 -5.79 -1.37 12.08
C MET A 28 -4.28 -1.13 12.13
N SER A 29 -3.51 -2.19 12.39
CA SER A 29 -2.11 -2.30 12.03
C SER A 29 -1.65 -3.71 12.33
N CYS A 30 -0.61 -4.13 11.62
CA CYS A 30 0.18 -5.33 11.88
C CYS A 30 1.41 -5.34 10.98
N MET A 31 1.26 -5.75 9.71
CA MET A 31 2.38 -5.74 8.77
C MET A 31 2.74 -4.29 8.40
N ALA A 32 1.70 -3.48 8.24
CA ALA A 32 1.72 -2.04 8.36
C ALA A 32 0.55 -1.75 9.29
N MET A 1 -4.64 7.13 18.63
CA MET A 1 -4.45 8.07 17.52
C MET A 1 -4.78 7.33 16.22
N ALA A 2 -4.71 7.98 15.06
CA ALA A 2 -5.09 7.41 13.77
C ALA A 2 -3.97 6.51 13.24
N MET A 3 -3.56 5.53 14.06
CA MET A 3 -2.70 4.45 13.63
C MET A 3 -3.31 3.76 12.41
N ALA A 4 -4.64 3.77 12.30
CA ALA A 4 -5.37 3.24 11.16
C ALA A 4 -4.94 3.96 9.87
N MET A 5 -4.89 5.29 9.93
CA MET A 5 -4.48 6.12 8.80
C MET A 5 -3.04 5.76 8.47
N ARG A 6 -2.15 5.83 9.46
CA ARG A 6 -0.75 5.52 9.25
C ARG A 6 -0.59 4.15 8.58
N SER A 7 -1.30 3.14 9.07
CA SER A 7 -1.27 1.79 8.52
C SER A 7 -1.74 1.78 7.06
N THR A 8 -2.94 2.29 6.77
CA THR A 8 -3.47 2.23 5.41
C THR A 8 -2.53 3.00 4.47
N PHE A 9 -2.10 4.18 4.91
CA PHE A 9 -1.19 5.03 4.18
C PHE A 9 0.07 4.23 3.82
N ALA A 10 0.74 3.65 4.82
CA ALA A 10 1.92 2.82 4.62
C ALA A 10 1.62 1.64 3.69
N ALA A 11 0.43 1.03 3.82
CA ALA A 11 0.05 -0.12 3.01
C ALA A 11 -0.17 0.26 1.54
N ARG A 12 -0.56 1.51 1.24
CA ARG A 12 -0.86 1.95 -0.12
C ARG A 12 0.31 2.69 -0.74
N VAL A 13 0.81 3.74 -0.08
CA VAL A 13 1.96 4.48 -0.58
C VAL A 13 3.19 3.57 -0.55
N GLY A 14 4.16 3.85 -1.41
CA GLY A 14 5.32 3.00 -1.60
C GLY A 14 4.96 1.74 -2.39
N ALA A 15 3.99 0.96 -1.88
CA ALA A 15 3.57 -0.33 -2.42
C ALA A 15 2.70 -0.18 -3.67
N LYS A 16 3.23 0.56 -4.65
CA LYS A 16 2.64 0.91 -5.93
C LYS A 16 3.76 1.56 -6.75
N PRO A 17 4.28 2.72 -6.30
CA PRO A 17 5.53 3.30 -6.71
C PRO A 17 6.63 2.28 -6.98
N ALA A 18 6.89 1.50 -5.95
CA ALA A 18 7.93 0.50 -5.90
C ALA A 18 7.51 -0.84 -6.51
N VAL A 19 6.33 -0.88 -7.14
CA VAL A 19 5.77 -2.04 -7.82
C VAL A 19 5.63 -1.77 -9.33
N ARG A 20 6.12 -0.62 -9.77
CA ARG A 20 6.05 -0.21 -11.17
C ARG A 20 6.61 -1.29 -12.08
N GLY A 21 5.96 -1.41 -13.24
CA GLY A 21 6.16 -2.52 -14.16
C GLY A 21 5.22 -3.69 -13.87
N ALA A 22 4.79 -3.85 -12.60
CA ALA A 22 4.00 -4.96 -12.09
C ALA A 22 4.89 -6.19 -11.90
N ARG A 23 4.61 -6.98 -10.86
CA ARG A 23 5.38 -8.15 -10.49
C ARG A 23 4.45 -9.04 -9.67
N PRO A 24 4.15 -8.63 -8.44
CA PRO A 24 2.90 -8.84 -7.77
C PRO A 24 1.93 -7.78 -8.29
N ALA A 25 0.84 -7.64 -7.56
CA ALA A 25 -0.15 -6.58 -7.66
C ALA A 25 -0.59 -6.25 -6.23
N SER A 26 -0.64 -4.97 -5.87
CA SER A 26 -0.71 -4.54 -4.48
C SER A 26 -2.09 -4.71 -3.83
N ARG A 27 -2.76 -5.84 -4.04
CA ARG A 27 -3.92 -6.20 -3.22
C ARG A 27 -3.48 -6.51 -1.80
N MET A 28 -2.36 -7.23 -1.76
CA MET A 28 -1.60 -7.61 -0.58
C MET A 28 -0.18 -7.97 -0.99
N SER A 29 -0.06 -9.03 -1.79
CA SER A 29 1.18 -9.58 -2.33
C SER A 29 0.79 -10.59 -3.41
N CYS A 30 1.77 -11.08 -4.18
CA CYS A 30 1.58 -11.87 -5.39
C CYS A 30 0.62 -11.16 -6.36
N MET A 31 0.16 -11.84 -7.41
CA MET A 31 -0.98 -11.41 -8.21
C MET A 31 -1.80 -12.66 -8.52
N ALA A 32 -3.12 -12.56 -8.37
CA ALA A 32 -4.11 -13.61 -8.49
C ALA A 32 -5.44 -12.95 -8.19
N MET A 1 -4.13 7.22 18.73
CA MET A 1 -4.13 8.09 17.54
C MET A 1 -4.42 7.24 16.31
N ALA A 2 -4.41 7.81 15.11
CA ALA A 2 -4.81 7.16 13.87
C ALA A 2 -3.67 6.29 13.35
N MET A 3 -3.28 5.31 14.16
CA MET A 3 -2.47 4.19 13.70
C MET A 3 -3.12 3.56 12.47
N ALA A 4 -4.47 3.57 12.44
CA ALA A 4 -5.23 3.02 11.34
C ALA A 4 -4.88 3.75 10.04
N MET A 5 -5.01 5.08 10.05
CA MET A 5 -4.71 5.91 8.89
C MET A 5 -3.25 5.74 8.49
N ARG A 6 -2.35 5.86 9.46
CA ARG A 6 -0.93 5.70 9.19
C ARG A 6 -0.65 4.36 8.52
N SER A 7 -1.22 3.27 9.05
CA SER A 7 -1.03 1.93 8.50
C SER A 7 -1.61 1.84 7.09
N THR A 8 -2.85 2.29 6.89
CA THR A 8 -3.47 2.21 5.57
C THR A 8 -2.64 3.02 4.57
N PHE A 9 -2.18 4.20 4.97
CA PHE A 9 -1.36 5.05 4.13
C PHE A 9 -0.06 4.34 3.77
N ALA A 10 0.62 3.77 4.77
CA ALA A 10 1.82 2.98 4.55
C ALA A 10 1.54 1.86 3.55
N ALA A 11 0.39 1.18 3.67
CA ALA A 11 -0.01 0.16 2.72
C ALA A 11 -0.16 0.77 1.31
N ARG A 12 -0.88 1.89 1.15
CA ARG A 12 -1.00 2.56 -0.14
C ARG A 12 0.38 2.82 -0.74
N VAL A 13 1.30 3.36 0.07
CA VAL A 13 2.66 3.66 -0.36
C VAL A 13 3.37 2.38 -0.82
N GLY A 14 3.35 1.34 0.02
CA GLY A 14 3.93 0.05 -0.33
C GLY A 14 3.31 -0.49 -1.62
N ALA A 15 2.01 -0.25 -1.81
CA ALA A 15 1.24 -0.71 -2.96
C ALA A 15 1.49 0.19 -4.18
N LYS A 16 2.77 0.40 -4.48
CA LYS A 16 3.29 1.06 -5.67
C LYS A 16 4.48 0.21 -6.17
N PRO A 17 5.57 0.13 -5.40
CA PRO A 17 6.58 -0.91 -5.47
C PRO A 17 6.00 -2.29 -5.69
N ALA A 18 5.07 -2.62 -4.82
CA ALA A 18 4.34 -3.88 -4.81
C ALA A 18 3.14 -3.86 -5.77
N VAL A 19 3.18 -3.00 -6.79
CA VAL A 19 2.31 -3.05 -7.96
C VAL A 19 3.18 -3.24 -9.19
N ARG A 20 4.06 -2.28 -9.33
CA ARG A 20 5.08 -2.10 -10.36
C ARG A 20 4.41 -1.91 -11.73
N GLY A 21 3.79 -2.97 -12.23
CA GLY A 21 3.00 -2.95 -13.47
C GLY A 21 1.86 -3.98 -13.45
N ALA A 22 1.50 -4.47 -12.26
CA ALA A 22 0.38 -5.38 -12.08
C ALA A 22 -0.94 -4.61 -12.10
N ARG A 23 -2.05 -5.31 -12.27
CA ARG A 23 -3.38 -4.71 -12.18
C ARG A 23 -3.65 -4.27 -10.74
N PRO A 24 -3.85 -5.21 -9.83
CA PRO A 24 -3.85 -5.03 -8.38
C PRO A 24 -2.40 -5.01 -7.92
N ALA A 25 -2.12 -5.54 -6.73
CA ALA A 25 -0.75 -5.75 -6.27
C ALA A 25 -0.04 -6.78 -7.17
N SER A 26 1.29 -6.85 -7.06
CA SER A 26 2.13 -7.81 -7.77
C SER A 26 1.96 -9.22 -7.19
N ARG A 27 0.76 -9.76 -7.30
CA ARG A 27 0.37 -11.06 -6.75
C ARG A 27 1.17 -12.22 -7.36
N MET A 28 1.38 -12.05 -8.65
CA MET A 28 1.96 -12.97 -9.61
C MET A 28 1.91 -12.26 -10.97
N SER A 29 0.68 -11.97 -11.38
CA SER A 29 0.30 -11.28 -12.61
C SER A 29 0.50 -12.17 -13.84
N CYS A 30 -0.13 -11.76 -14.95
CA CYS A 30 0.04 -12.42 -16.24
C CYS A 30 -0.07 -11.39 -17.35
N MET A 31 -1.29 -11.00 -17.71
CA MET A 31 -1.52 -9.82 -18.54
C MET A 31 -1.14 -8.58 -17.72
N ALA A 32 -1.53 -8.60 -16.45
CA ALA A 32 -1.20 -7.68 -15.39
C ALA A 32 -1.54 -8.45 -14.10
N MET A 1 -2.69 9.71 17.21
CA MET A 1 -3.27 10.16 15.94
C MET A 1 -3.98 8.97 15.31
N ALA A 2 -4.42 9.07 14.05
CA ALA A 2 -5.08 7.99 13.34
C ALA A 2 -4.01 7.00 12.92
N MET A 3 -3.56 6.18 13.86
CA MET A 3 -2.77 4.98 13.61
C MET A 3 -3.41 4.17 12.47
N ALA A 4 -4.73 4.23 12.34
CA ALA A 4 -5.45 3.56 11.26
C ALA A 4 -5.03 4.13 9.90
N MET A 5 -5.00 5.46 9.81
CA MET A 5 -4.59 6.15 8.59
C MET A 5 -3.14 5.80 8.32
N ARG A 6 -2.28 5.87 9.32
CA ARG A 6 -0.88 5.49 9.15
C ARG A 6 -0.77 4.05 8.63
N SER A 7 -1.54 3.13 9.21
CA SER A 7 -1.53 1.73 8.85
C SER A 7 -1.89 1.57 7.38
N THR A 8 -3.04 2.14 6.96
CA THR A 8 -3.44 2.04 5.56
C THR A 8 -2.35 2.69 4.71
N PHE A 9 -1.93 3.90 5.08
CA PHE A 9 -1.01 4.73 4.31
C PHE A 9 0.24 3.94 3.97
N ALA A 10 0.88 3.33 4.98
CA ALA A 10 2.10 2.55 4.83
C ALA A 10 1.96 1.46 3.76
N ALA A 11 0.77 0.86 3.60
CA ALA A 11 0.51 -0.07 2.52
C ALA A 11 0.27 0.69 1.21
N ARG A 12 -0.60 1.70 1.30
CA ARG A 12 -1.13 2.48 0.20
C ARG A 12 -0.04 3.20 -0.59
N VAL A 13 1.09 3.54 0.06
CA VAL A 13 2.23 4.25 -0.53
C VAL A 13 2.47 3.89 -2.00
N GLY A 14 2.47 2.59 -2.32
CA GLY A 14 2.43 2.09 -3.70
C GLY A 14 1.53 0.88 -3.79
N ALA A 15 0.43 0.88 -3.02
CA ALA A 15 -0.48 -0.25 -2.85
C ALA A 15 0.30 -1.55 -2.67
N LYS A 16 1.30 -1.51 -1.79
CA LYS A 16 2.27 -2.56 -1.53
C LYS A 16 1.72 -3.99 -1.71
N PRO A 17 0.69 -4.37 -0.95
CA PRO A 17 -0.02 -5.64 -1.05
C PRO A 17 -0.23 -6.19 -2.45
N ALA A 18 -0.60 -5.29 -3.32
CA ALA A 18 -0.99 -5.56 -4.70
C ALA A 18 0.18 -5.80 -5.64
N VAL A 19 1.36 -5.35 -5.24
CA VAL A 19 2.57 -5.38 -6.07
C VAL A 19 3.67 -6.27 -5.52
N ARG A 20 3.84 -6.19 -4.22
CA ARG A 20 4.76 -6.95 -3.36
C ARG A 20 6.22 -6.72 -3.75
N GLY A 21 6.64 -7.20 -4.91
CA GLY A 21 7.96 -6.96 -5.49
C GLY A 21 7.86 -6.71 -7.00
N ALA A 22 6.69 -6.23 -7.45
CA ALA A 22 6.30 -6.17 -8.85
C ALA A 22 6.38 -7.58 -9.45
N ARG A 23 6.47 -7.69 -10.78
CA ARG A 23 6.31 -8.95 -11.49
C ARG A 23 6.97 -8.88 -12.87
N PRO A 24 6.39 -8.09 -13.77
CA PRO A 24 6.96 -7.70 -15.04
C PRO A 24 8.03 -6.64 -14.80
N ALA A 25 8.27 -5.81 -15.82
CA ALA A 25 9.40 -4.92 -15.98
C ALA A 25 10.67 -5.74 -16.17
N SER A 26 11.10 -6.44 -15.11
CA SER A 26 12.27 -7.33 -15.03
C SER A 26 12.36 -7.82 -13.59
N ARG A 27 11.45 -8.71 -13.17
CA ARG A 27 11.45 -9.24 -11.80
C ARG A 27 11.23 -10.74 -11.83
N MET A 28 9.97 -11.09 -11.93
CA MET A 28 9.50 -12.43 -12.22
C MET A 28 9.57 -12.63 -13.73
N SER A 29 8.74 -11.87 -14.42
CA SER A 29 8.73 -11.74 -15.86
C SER A 29 9.42 -10.42 -16.25
N CYS A 30 9.17 -9.90 -17.46
CA CYS A 30 9.93 -8.83 -18.08
C CYS A 30 8.97 -7.78 -18.64
N MET A 31 9.18 -7.26 -19.86
CA MET A 31 8.27 -6.33 -20.52
C MET A 31 6.82 -6.82 -20.44
N ALA A 32 6.63 -8.14 -20.52
CA ALA A 32 5.47 -8.82 -19.97
C ALA A 32 6.03 -9.86 -18.99
N MET A 1 -7.26 10.05 10.43
CA MET A 1 -7.29 9.34 11.72
C MET A 1 -5.86 9.07 12.18
N ALA A 2 -5.69 8.30 13.25
CA ALA A 2 -4.39 7.98 13.84
C ALA A 2 -3.83 6.70 13.20
N MET A 3 -3.41 5.75 14.03
CA MET A 3 -2.75 4.49 13.69
C MET A 3 -3.36 3.84 12.44
N ALA A 4 -4.69 3.74 12.38
CA ALA A 4 -5.38 3.16 11.23
C ALA A 4 -4.97 3.85 9.92
N MET A 5 -4.94 5.19 9.93
CA MET A 5 -4.58 5.98 8.77
C MET A 5 -3.09 5.79 8.46
N ARG A 6 -2.25 5.83 9.50
CA ARG A 6 -0.83 5.56 9.34
C ARG A 6 -0.65 4.23 8.60
N SER A 7 -1.35 3.20 9.05
CA SER A 7 -1.27 1.86 8.49
C SER A 7 -1.76 1.84 7.05
N THR A 8 -2.97 2.37 6.80
CA THR A 8 -3.53 2.37 5.45
C THR A 8 -2.56 3.08 4.51
N PHE A 9 -2.03 4.23 4.93
CA PHE A 9 -1.07 4.97 4.13
C PHE A 9 0.19 4.12 3.89
N ALA A 10 0.76 3.56 4.95
CA ALA A 10 1.96 2.74 4.89
C ALA A 10 1.78 1.52 3.99
N ALA A 11 0.55 1.03 3.83
CA ALA A 11 0.23 0.03 2.82
C ALA A 11 0.18 0.67 1.43
N ARG A 12 -0.73 1.62 1.23
CA ARG A 12 -1.08 2.18 -0.07
C ARG A 12 0.12 2.81 -0.77
N VAL A 13 0.99 3.51 -0.02
CA VAL A 13 2.16 4.20 -0.57
C VAL A 13 2.97 3.25 -1.44
N GLY A 14 3.18 2.03 -0.93
CA GLY A 14 3.88 0.97 -1.65
C GLY A 14 2.93 0.19 -2.55
N ALA A 15 1.68 0.00 -2.12
CA ALA A 15 0.71 -0.90 -2.75
C ALA A 15 1.33 -2.30 -2.88
N LYS A 16 2.02 -2.72 -1.82
CA LYS A 16 2.96 -3.83 -1.82
C LYS A 16 3.14 -4.43 -0.42
N PRO A 17 3.81 -3.73 0.50
CA PRO A 17 4.35 -4.27 1.74
C PRO A 17 3.25 -4.83 2.63
N ALA A 18 2.57 -3.94 3.31
CA ALA A 18 1.35 -4.25 4.06
C ALA A 18 0.16 -4.43 3.09
N VAL A 19 0.36 -5.20 2.02
CA VAL A 19 -0.67 -5.61 1.07
C VAL A 19 -0.46 -7.09 0.80
N ARG A 20 0.55 -7.34 -0.01
CA ARG A 20 1.05 -8.67 -0.29
C ARG A 20 1.54 -9.30 1.01
N GLY A 21 2.32 -8.54 1.79
CA GLY A 21 2.74 -8.91 3.13
C GLY A 21 1.79 -8.34 4.19
N ALA A 22 0.48 -8.24 3.91
CA ALA A 22 -0.48 -7.82 4.92
C ALA A 22 -0.57 -8.90 6.00
N ARG A 23 0.05 -8.63 7.15
CA ARG A 23 -0.06 -9.42 8.37
C ARG A 23 0.43 -8.55 9.53
N PRO A 24 1.75 -8.31 9.59
CA PRO A 24 2.39 -7.30 10.39
C PRO A 24 2.20 -5.95 9.70
N ALA A 25 3.04 -4.99 10.10
CA ALA A 25 3.13 -3.68 9.46
C ALA A 25 3.84 -3.82 8.10
N SER A 26 4.08 -2.69 7.43
CA SER A 26 4.74 -2.65 6.13
C SER A 26 6.12 -3.31 6.18
N ARG A 27 6.17 -4.57 5.74
CA ARG A 27 7.36 -5.35 5.52
C ARG A 27 7.84 -5.07 4.10
N MET A 28 8.04 -6.13 3.32
CA MET A 28 8.61 -6.07 1.97
C MET A 28 7.50 -6.31 0.95
N SER A 29 7.09 -7.57 0.82
CA SER A 29 6.02 -8.10 -0.02
C SER A 29 5.88 -9.57 0.41
N CYS A 30 4.95 -10.32 -0.18
CA CYS A 30 4.76 -11.72 0.17
C CYS A 30 6.03 -12.52 -0.11
N MET A 31 6.25 -13.51 0.75
CA MET A 31 7.33 -14.49 0.72
C MET A 31 6.89 -15.56 1.73
N ALA A 32 6.78 -15.13 2.98
CA ALA A 32 5.74 -15.60 3.88
C ALA A 32 4.66 -14.52 3.87
N MET A 1 -5.35 6.56 18.30
CA MET A 1 -5.12 7.69 17.37
C MET A 1 -5.21 7.15 15.94
N ALA A 2 -4.89 7.95 14.92
CA ALA A 2 -5.04 7.60 13.51
C ALA A 2 -3.90 6.67 13.04
N MET A 3 -3.45 5.77 13.91
CA MET A 3 -2.54 4.69 13.56
C MET A 3 -3.15 3.88 12.41
N ALA A 4 -4.47 3.73 12.45
CA ALA A 4 -5.23 3.10 11.38
C ALA A 4 -4.91 3.78 10.05
N MET A 5 -5.08 5.10 9.99
CA MET A 5 -4.82 5.89 8.79
C MET A 5 -3.37 5.72 8.37
N ARG A 6 -2.44 5.82 9.32
CA ARG A 6 -1.02 5.65 9.03
C ARG A 6 -0.73 4.27 8.43
N SER A 7 -1.37 3.23 8.96
CA SER A 7 -1.15 1.86 8.50
C SER A 7 -1.69 1.74 7.07
N THR A 8 -2.91 2.22 6.87
CA THR A 8 -3.50 2.45 5.56
C THR A 8 -2.47 3.14 4.65
N PHE A 9 -1.89 4.25 5.11
CA PHE A 9 -1.02 5.09 4.30
C PHE A 9 0.21 4.30 3.88
N ALA A 10 0.87 3.64 4.84
CA ALA A 10 2.02 2.80 4.57
C ALA A 10 1.68 1.76 3.50
N ALA A 11 0.56 1.04 3.69
CA ALA A 11 0.10 0.05 2.72
C ALA A 11 -0.10 0.70 1.35
N ARG A 12 -0.84 1.80 1.29
CA ARG A 12 -1.14 2.54 0.06
C ARG A 12 0.15 2.90 -0.66
N VAL A 13 1.12 3.47 0.08
CA VAL A 13 2.42 3.85 -0.45
C VAL A 13 3.15 2.62 -1.01
N GLY A 14 3.24 1.55 -0.22
CA GLY A 14 3.82 0.29 -0.67
C GLY A 14 3.11 -0.22 -1.92
N ALA A 15 1.80 -0.01 -2.00
CA ALA A 15 0.95 -0.45 -3.09
C ALA A 15 1.07 0.52 -4.26
N LYS A 16 2.30 0.75 -4.71
CA LYS A 16 2.66 1.50 -5.90
C LYS A 16 3.78 0.73 -6.62
N PRO A 17 4.97 0.62 -6.03
CA PRO A 17 6.02 -0.32 -6.38
C PRO A 17 5.47 -1.70 -6.71
N ALA A 18 4.73 -2.20 -5.74
CA ALA A 18 4.09 -3.52 -5.77
C ALA A 18 2.83 -3.55 -6.64
N VAL A 19 2.63 -2.52 -7.46
CA VAL A 19 1.49 -2.37 -8.36
C VAL A 19 1.94 -1.94 -9.77
N ARG A 20 3.25 -1.78 -9.96
CA ARG A 20 3.88 -1.25 -11.17
C ARG A 20 3.29 -1.82 -12.46
N GLY A 21 3.10 -3.15 -12.50
CA GLY A 21 2.48 -3.83 -13.63
C GLY A 21 1.15 -3.18 -14.01
N ALA A 22 0.25 -3.01 -13.03
CA ALA A 22 -1.06 -2.41 -13.23
C ALA A 22 -0.92 -0.89 -13.20
N ARG A 23 -0.17 -0.34 -14.17
CA ARG A 23 -0.12 1.10 -14.38
C ARG A 23 -1.49 1.55 -14.94
N PRO A 24 -1.73 1.35 -16.23
CA PRO A 24 -2.99 1.52 -16.89
C PRO A 24 -3.88 0.31 -16.58
N ALA A 25 -4.87 0.08 -17.43
CA ALA A 25 -5.75 -1.09 -17.47
C ALA A 25 -6.70 -1.16 -16.26
N SER A 26 -6.15 -1.26 -15.05
CA SER A 26 -6.91 -1.43 -13.81
C SER A 26 -6.47 -0.44 -12.73
N ARG A 27 -5.84 0.66 -13.14
CA ARG A 27 -5.51 1.78 -12.29
C ARG A 27 -5.44 2.99 -13.23
N MET A 28 -4.43 3.83 -13.09
CA MET A 28 -4.16 4.94 -14.00
C MET A 28 -2.68 4.94 -14.40
N SER A 29 -1.83 4.90 -13.39
CA SER A 29 -0.39 4.76 -13.51
C SER A 29 0.11 4.18 -12.18
N CYS A 30 1.40 4.33 -11.86
CA CYS A 30 2.01 3.68 -10.71
C CYS A 30 2.21 4.70 -9.58
N MET A 31 3.01 5.72 -9.88
CA MET A 31 3.44 6.76 -8.97
C MET A 31 3.74 7.98 -9.84
N ALA A 32 4.59 7.76 -10.84
CA ALA A 32 4.33 8.33 -12.14
C ALA A 32 3.21 7.51 -12.76
N MET A 1 -5.93 5.71 17.96
CA MET A 1 -6.01 6.98 17.22
C MET A 1 -5.67 6.67 15.76
N ALA A 2 -5.16 7.62 14.98
CA ALA A 2 -5.00 7.49 13.53
C ALA A 2 -3.83 6.57 13.12
N MET A 3 -3.44 5.63 13.99
CA MET A 3 -2.53 4.55 13.65
C MET A 3 -3.12 3.79 12.45
N ALA A 4 -4.44 3.59 12.47
CA ALA A 4 -5.15 2.95 11.38
C ALA A 4 -4.89 3.69 10.07
N MET A 5 -5.05 5.02 10.08
CA MET A 5 -4.83 5.87 8.92
C MET A 5 -3.39 5.73 8.44
N ARG A 6 -2.42 5.84 9.36
CA ARG A 6 -1.02 5.69 9.03
C ARG A 6 -0.71 4.31 8.44
N SER A 7 -1.38 3.27 8.96
CA SER A 7 -1.21 1.91 8.44
C SER A 7 -1.75 1.84 7.00
N THR A 8 -2.95 2.39 6.80
CA THR A 8 -3.53 2.59 5.48
C THR A 8 -2.49 3.26 4.57
N PHE A 9 -1.90 4.35 5.04
CA PHE A 9 -1.00 5.16 4.25
C PHE A 9 0.21 4.33 3.86
N ALA A 10 0.87 3.69 4.84
CA ALA A 10 2.00 2.82 4.59
C ALA A 10 1.66 1.76 3.54
N ALA A 11 0.53 1.07 3.73
CA ALA A 11 0.08 0.03 2.79
C ALA A 11 -0.09 0.62 1.39
N ARG A 12 -0.79 1.74 1.27
CA ARG A 12 -1.08 2.36 -0.01
C ARG A 12 0.20 2.84 -0.71
N VAL A 13 1.10 3.45 0.05
CA VAL A 13 2.43 3.82 -0.43
C VAL A 13 3.15 2.56 -0.93
N GLY A 14 3.13 1.47 -0.16
CA GLY A 14 3.66 0.18 -0.58
C GLY A 14 2.75 -0.52 -1.60
N ALA A 15 2.32 0.22 -2.63
CA ALA A 15 1.36 -0.15 -3.65
C ALA A 15 1.29 1.05 -4.59
N LYS A 16 0.09 1.59 -4.77
CA LYS A 16 -0.15 2.99 -4.93
C LYS A 16 -1.54 3.23 -4.31
N PRO A 17 -1.81 4.46 -3.88
CA PRO A 17 -3.09 5.10 -3.85
C PRO A 17 -3.35 5.61 -5.26
N ALA A 18 -2.98 6.86 -5.47
CA ALA A 18 -2.32 7.40 -6.63
C ALA A 18 -1.11 8.08 -6.01
N VAL A 19 0.04 8.06 -6.69
CA VAL A 19 1.31 7.99 -6.01
C VAL A 19 1.69 9.34 -5.42
N ARG A 20 1.29 9.39 -4.15
CA ARG A 20 1.50 10.41 -3.12
C ARG A 20 1.32 11.83 -3.67
N GLY A 21 2.32 12.33 -4.40
CA GLY A 21 2.29 13.63 -5.02
C GLY A 21 1.06 13.77 -5.91
N ALA A 22 0.75 12.72 -6.68
CA ALA A 22 -0.27 12.76 -7.72
C ALA A 22 -1.68 12.63 -7.13
N ARG A 23 -2.10 13.57 -6.26
CA ARG A 23 -3.50 13.71 -5.88
C ARG A 23 -3.82 15.16 -5.46
N PRO A 24 -3.45 15.56 -4.25
CA PRO A 24 -3.65 16.86 -3.66
C PRO A 24 -2.55 17.81 -4.18
N ALA A 25 -2.33 18.90 -3.43
CA ALA A 25 -1.19 19.79 -3.61
C ALA A 25 0.06 19.10 -3.05
N SER A 26 0.42 17.97 -3.67
CA SER A 26 1.55 17.10 -3.40
C SER A 26 2.19 17.33 -2.04
N ARG A 27 1.59 16.76 -0.99
CA ARG A 27 1.93 17.05 0.38
C ARG A 27 2.53 15.80 1.02
N MET A 28 2.14 15.53 2.27
CA MET A 28 2.62 14.42 3.09
C MET A 28 1.57 13.32 3.15
N SER A 29 0.34 13.72 3.48
CA SER A 29 -0.86 12.91 3.44
C SER A 29 -2.06 13.84 3.36
N CYS A 30 -3.17 13.33 2.85
CA CYS A 30 -4.49 13.95 2.92
C CYS A 30 -5.31 13.19 3.97
N MET A 31 -5.36 11.87 3.80
CA MET A 31 -5.65 10.91 4.86
C MET A 31 -4.60 9.81 4.73
N ALA A 32 -4.63 9.12 3.59
CA ALA A 32 -3.41 8.69 2.94
C ALA A 32 -2.86 9.90 2.19
N MET A 1 -8.76 6.95 12.44
CA MET A 1 -7.93 7.14 13.64
C MET A 1 -6.47 7.08 13.24
N ALA A 2 -5.58 7.64 14.06
CA ALA A 2 -4.18 7.88 13.71
C ALA A 2 -3.51 6.64 13.12
N MET A 3 -3.38 5.67 13.99
CA MET A 3 -2.73 4.39 13.75
C MET A 3 -3.29 3.76 12.46
N ALA A 4 -4.61 3.63 12.40
CA ALA A 4 -5.30 3.03 11.27
C ALA A 4 -4.93 3.76 9.97
N MET A 5 -5.07 5.09 9.96
CA MET A 5 -4.77 5.89 8.78
C MET A 5 -3.31 5.77 8.39
N ARG A 6 -2.39 5.84 9.35
CA ARG A 6 -0.97 5.63 9.09
C ARG A 6 -0.71 4.24 8.49
N SER A 7 -1.40 3.22 8.99
CA SER A 7 -1.24 1.86 8.47
C SER A 7 -1.72 1.81 7.02
N THR A 8 -2.91 2.36 6.79
CA THR A 8 -3.47 2.58 5.47
C THR A 8 -2.43 3.25 4.58
N PHE A 9 -1.81 4.34 5.07
CA PHE A 9 -0.89 5.15 4.31
C PHE A 9 0.33 4.30 3.93
N ALA A 10 0.94 3.63 4.91
CA ALA A 10 2.08 2.76 4.68
C ALA A 10 1.76 1.73 3.59
N ALA A 11 0.65 1.01 3.74
CA ALA A 11 0.23 0.00 2.77
C ALA A 11 0.01 0.63 1.40
N ARG A 12 -0.83 1.66 1.33
CA ARG A 12 -1.23 2.37 0.13
C ARG A 12 0.02 2.84 -0.63
N VAL A 13 0.94 3.52 0.05
CA VAL A 13 2.21 3.94 -0.54
C VAL A 13 2.98 2.70 -1.01
N GLY A 14 3.22 1.75 -0.11
CA GLY A 14 3.94 0.52 -0.41
C GLY A 14 3.39 -0.17 -1.66
N ALA A 15 2.08 -0.05 -1.89
CA ALA A 15 1.39 -0.76 -2.96
C ALA A 15 1.16 0.12 -4.19
N LYS A 16 1.79 1.29 -4.27
CA LYS A 16 1.75 2.10 -5.49
C LYS A 16 2.30 1.39 -6.74
N PRO A 17 3.46 0.74 -6.65
CA PRO A 17 4.04 -0.12 -7.66
C PRO A 17 3.04 -1.14 -8.18
N ALA A 18 2.46 -1.82 -7.21
CA ALA A 18 1.44 -2.85 -7.37
C ALA A 18 0.06 -2.25 -7.72
N VAL A 19 0.05 -1.15 -8.46
CA VAL A 19 -1.13 -0.45 -8.95
C VAL A 19 -0.79 0.12 -10.31
N ARG A 20 0.18 1.02 -10.24
CA ARG A 20 0.80 1.78 -11.34
C ARG A 20 -0.27 2.54 -12.15
N GLY A 21 -1.05 1.83 -12.96
CA GLY A 21 -2.00 2.42 -13.90
C GLY A 21 -3.11 3.17 -13.16
N ALA A 22 -3.87 2.43 -12.33
CA ALA A 22 -5.03 2.95 -11.63
C ALA A 22 -4.59 3.79 -10.43
N ARG A 23 -3.91 4.91 -10.73
CA ARG A 23 -3.30 5.80 -9.76
C ARG A 23 -4.02 7.16 -9.81
N PRO A 24 -3.72 8.02 -10.79
CA PRO A 24 -4.44 9.23 -11.10
C PRO A 24 -5.70 8.87 -11.91
N ALA A 25 -6.08 9.71 -12.88
CA ALA A 25 -7.31 9.56 -13.65
C ALA A 25 -7.31 8.33 -14.57
N SER A 26 -6.14 7.71 -14.84
CA SER A 26 -6.01 6.56 -15.71
C SER A 26 -6.54 5.29 -15.04
N ARG A 27 -7.82 5.27 -14.69
CA ARG A 27 -8.43 4.23 -13.90
C ARG A 27 -9.81 3.92 -14.49
N MET A 28 -10.81 3.76 -13.63
CA MET A 28 -12.18 3.44 -14.00
C MET A 28 -13.11 4.51 -13.40
N SER A 29 -13.45 4.38 -12.11
CA SER A 29 -14.32 5.31 -11.42
C SER A 29 -13.54 6.53 -10.93
N CYS A 30 -14.12 7.25 -9.97
CA CYS A 30 -13.56 8.49 -9.43
C CYS A 30 -12.17 8.27 -8.84
N MET A 31 -12.07 7.27 -7.97
CA MET A 31 -10.81 6.82 -7.39
C MET A 31 -10.89 5.29 -7.21
N ALA A 32 -11.44 4.63 -8.23
CA ALA A 32 -11.52 3.19 -8.37
C ALA A 32 -11.74 2.95 -9.86
N MET A 1 -8.69 5.66 13.34
CA MET A 1 -7.87 6.57 14.16
C MET A 1 -6.49 6.73 13.53
N ALA A 2 -5.60 7.49 14.18
CA ALA A 2 -4.30 7.86 13.64
C ALA A 2 -3.53 6.67 13.13
N MET A 3 -3.44 5.69 14.01
CA MET A 3 -2.76 4.42 13.81
C MET A 3 -3.27 3.77 12.51
N ALA A 4 -4.59 3.63 12.38
CA ALA A 4 -5.20 3.02 11.20
C ALA A 4 -4.87 3.84 9.95
N MET A 5 -4.96 5.17 10.04
CA MET A 5 -4.63 6.05 8.92
C MET A 5 -3.19 5.79 8.48
N ARG A 6 -2.24 5.85 9.41
CA ARG A 6 -0.84 5.60 9.10
C ARG A 6 -0.66 4.20 8.50
N SER A 7 -1.34 3.19 9.06
CA SER A 7 -1.28 1.83 8.53
C SER A 7 -1.73 1.79 7.07
N THR A 8 -2.94 2.30 6.79
CA THR A 8 -3.49 2.26 5.43
C THR A 8 -2.60 3.07 4.49
N PHE A 9 -2.09 4.20 4.98
CA PHE A 9 -1.23 5.08 4.22
C PHE A 9 0.06 4.33 3.85
N ALA A 10 0.75 3.74 4.82
CA ALA A 10 1.94 2.93 4.57
C ALA A 10 1.61 1.83 3.55
N ALA A 11 0.50 1.12 3.79
CA ALA A 11 0.04 0.07 2.90
C ALA A 11 -0.06 0.58 1.46
N ARG A 12 -0.77 1.70 1.24
CA ARG A 12 -1.02 2.22 -0.10
C ARG A 12 0.26 2.82 -0.70
N VAL A 13 1.12 3.44 0.11
CA VAL A 13 2.41 3.97 -0.32
C VAL A 13 3.18 2.88 -1.06
N GLY A 14 3.39 1.75 -0.37
CA GLY A 14 4.04 0.61 -1.00
C GLY A 14 3.11 -0.08 -2.01
N ALA A 15 1.79 0.03 -1.77
CA ALA A 15 0.78 -0.90 -2.27
C ALA A 15 1.18 -2.31 -1.86
N LYS A 16 1.66 -2.44 -0.62
CA LYS A 16 2.48 -3.57 -0.17
C LYS A 16 2.23 -4.01 1.28
N PRO A 17 2.68 -3.26 2.29
CA PRO A 17 2.74 -3.63 3.70
C PRO A 17 1.61 -4.52 4.20
N ALA A 18 0.42 -3.97 4.09
CA ALA A 18 -0.85 -4.61 4.44
C ALA A 18 -1.72 -4.78 3.18
N VAL A 19 -1.08 -5.15 2.07
CA VAL A 19 -1.71 -5.48 0.80
C VAL A 19 -1.32 -6.91 0.42
N ARG A 20 -0.01 -7.06 0.35
CA ARG A 20 0.78 -8.29 0.30
C ARG A 20 0.41 -9.18 -0.89
N GLY A 21 -0.78 -9.78 -0.87
CA GLY A 21 -1.30 -10.66 -1.90
C GLY A 21 -2.36 -9.96 -2.77
N ALA A 22 -2.96 -8.89 -2.26
CA ALA A 22 -4.00 -8.12 -2.93
C ALA A 22 -3.36 -7.07 -3.87
N ARG A 23 -4.12 -6.04 -4.27
CA ARG A 23 -3.55 -4.82 -4.86
C ARG A 23 -4.45 -3.64 -4.50
N PRO A 24 -5.61 -3.56 -5.13
CA PRO A 24 -6.69 -2.65 -4.81
C PRO A 24 -7.40 -3.16 -3.54
N ALA A 25 -8.69 -2.89 -3.40
CA ALA A 25 -9.49 -3.37 -2.28
C ALA A 25 -9.80 -4.87 -2.47
N SER A 26 -8.76 -5.70 -2.36
CA SER A 26 -8.68 -7.12 -2.70
C SER A 26 -7.93 -7.24 -4.03
N ARG A 27 -8.34 -8.21 -4.86
CA ARG A 27 -7.94 -8.35 -6.24
C ARG A 27 -9.10 -7.86 -7.12
N MET A 28 -9.52 -8.69 -8.05
CA MET A 28 -10.55 -8.41 -9.04
C MET A 28 -11.33 -9.71 -9.22
N SER A 29 -10.69 -10.70 -9.83
CA SER A 29 -11.13 -12.09 -9.79
C SER A 29 -10.27 -12.82 -8.74
N CYS A 30 -10.06 -14.12 -8.93
CA CYS A 30 -8.96 -14.85 -8.32
C CYS A 30 -7.64 -14.11 -8.53
N MET A 31 -7.47 -13.63 -9.76
CA MET A 31 -6.33 -12.80 -10.15
C MET A 31 -6.76 -11.33 -10.29
N ALA A 32 -5.74 -10.47 -10.29
CA ALA A 32 -5.73 -9.08 -10.69
C ALA A 32 -4.30 -8.83 -11.12
N MET A 1 -7.94 6.10 16.65
CA MET A 1 -6.83 7.06 16.50
C MET A 1 -6.14 6.80 15.17
N ALA A 2 -5.29 7.71 14.69
CA ALA A 2 -4.72 7.69 13.35
C ALA A 2 -3.65 6.61 13.13
N MET A 3 -3.62 5.57 13.97
CA MET A 3 -2.85 4.38 13.71
C MET A 3 -3.39 3.71 12.46
N ALA A 4 -4.73 3.63 12.35
CA ALA A 4 -5.40 3.09 11.19
C ALA A 4 -4.96 3.85 9.93
N MET A 5 -5.00 5.19 10.00
CA MET A 5 -4.62 6.06 8.89
C MET A 5 -3.16 5.80 8.50
N ARG A 6 -2.25 5.88 9.47
CA ARG A 6 -0.83 5.64 9.22
C ARG A 6 -0.64 4.26 8.56
N SER A 7 -1.25 3.22 9.13
CA SER A 7 -1.14 1.87 8.62
C SER A 7 -1.65 1.78 7.18
N THR A 8 -2.88 2.26 6.92
CA THR A 8 -3.45 2.17 5.58
C THR A 8 -2.54 2.94 4.61
N PHE A 9 -2.14 4.16 4.99
CA PHE A 9 -1.29 5.01 4.18
C PHE A 9 0.01 4.26 3.81
N ALA A 10 0.67 3.70 4.82
CA ALA A 10 1.87 2.88 4.65
C ALA A 10 1.61 1.73 3.67
N ALA A 11 0.45 1.10 3.74
CA ALA A 11 0.07 0.06 2.79
C ALA A 11 -0.14 0.65 1.38
N ARG A 12 -0.73 1.85 1.28
CA ARG A 12 -0.99 2.44 -0.04
C ARG A 12 0.33 2.77 -0.73
N VAL A 13 1.22 3.51 -0.07
CA VAL A 13 2.45 3.99 -0.70
C VAL A 13 3.22 2.80 -1.27
N GLY A 14 3.66 2.90 -2.52
CA GLY A 14 4.29 1.78 -3.22
C GLY A 14 3.26 0.91 -3.95
N ALA A 15 2.05 0.75 -3.41
CA ALA A 15 1.00 -0.03 -4.05
C ALA A 15 0.30 0.78 -5.13
N LYS A 16 0.05 2.03 -4.80
CA LYS A 16 -0.64 3.02 -5.64
C LYS A 16 0.11 4.37 -5.68
N PRO A 17 0.04 5.20 -4.63
CA PRO A 17 0.79 6.41 -4.52
C PRO A 17 2.27 6.07 -4.60
N ALA A 18 2.88 6.73 -5.57
CA ALA A 18 4.29 6.74 -5.95
C ALA A 18 4.68 5.51 -6.77
N VAL A 19 3.72 4.91 -7.50
CA VAL A 19 4.04 4.02 -8.60
C VAL A 19 3.37 4.53 -9.88
N ARG A 20 2.62 3.66 -10.57
CA ARG A 20 2.40 3.73 -12.01
C ARG A 20 3.76 3.66 -12.71
N GLY A 21 4.50 4.78 -12.73
CA GLY A 21 5.87 4.81 -13.22
C GLY A 21 6.77 4.28 -12.12
N ALA A 22 6.62 3.00 -11.80
CA ALA A 22 7.10 2.39 -10.56
C ALA A 22 8.61 2.58 -10.33
N ARG A 23 8.99 3.65 -9.61
CA ARG A 23 10.33 3.84 -9.06
C ARG A 23 10.85 2.57 -8.37
N PRO A 24 10.16 2.14 -7.31
CA PRO A 24 10.22 0.84 -6.64
C PRO A 24 10.42 -0.39 -7.50
N ALA A 25 9.88 -0.30 -8.70
CA ALA A 25 9.55 -1.39 -9.57
C ALA A 25 8.65 -2.34 -8.76
N SER A 26 9.00 -3.62 -8.67
CA SER A 26 8.36 -4.57 -7.76
C SER A 26 6.84 -4.60 -7.90
N ARG A 27 6.34 -4.28 -9.09
CA ARG A 27 4.96 -4.09 -9.47
C ARG A 27 5.07 -3.86 -10.98
N MET A 28 4.22 -3.01 -11.54
CA MET A 28 4.33 -2.47 -12.89
C MET A 28 3.47 -1.22 -12.97
N SER A 29 2.44 -1.22 -13.81
CA SER A 29 1.58 -0.11 -14.12
C SER A 29 0.22 -0.67 -14.53
N CYS A 30 -0.85 0.07 -14.25
CA CYS A 30 -2.21 -0.30 -14.63
C CYS A 30 -3.07 0.98 -14.69
N MET A 31 -4.32 0.94 -14.24
CA MET A 31 -5.15 2.13 -14.04
C MET A 31 -4.32 3.18 -13.28
N ALA A 32 -3.60 2.72 -12.26
CA ALA A 32 -2.39 3.33 -11.76
C ALA A 32 -1.45 2.19 -11.45
N MET A 1 -7.73 4.51 16.29
CA MET A 1 -6.89 5.72 16.42
C MET A 1 -6.17 5.95 15.10
N ALA A 2 -5.49 7.09 14.93
CA ALA A 2 -4.90 7.49 13.65
C ALA A 2 -3.78 6.58 13.16
N MET A 3 -3.33 5.69 14.03
CA MET A 3 -2.46 4.57 13.68
C MET A 3 -3.06 3.79 12.50
N ALA A 4 -4.40 3.63 12.48
CA ALA A 4 -5.09 2.95 11.39
C ALA A 4 -4.84 3.69 10.07
N MET A 5 -5.01 5.01 10.09
CA MET A 5 -4.79 5.84 8.91
C MET A 5 -3.34 5.75 8.48
N ARG A 6 -2.41 5.85 9.43
CA ARG A 6 -0.98 5.72 9.13
C ARG A 6 -0.71 4.37 8.45
N SER A 7 -1.27 3.31 9.02
CA SER A 7 -1.11 1.96 8.50
C SER A 7 -1.65 1.87 7.07
N THR A 8 -2.87 2.35 6.84
CA THR A 8 -3.46 2.28 5.50
C THR A 8 -2.62 3.12 4.53
N PHE A 9 -2.11 4.27 5.00
CA PHE A 9 -1.25 5.12 4.20
C PHE A 9 0.03 4.35 3.81
N ALA A 10 0.67 3.71 4.79
CA ALA A 10 1.85 2.90 4.55
C ALA A 10 1.53 1.80 3.53
N ALA A 11 0.39 1.13 3.67
CA ALA A 11 -0.05 0.13 2.72
C ALA A 11 -0.16 0.72 1.32
N ARG A 12 -0.88 1.85 1.17
CA ARG A 12 -1.00 2.55 -0.11
C ARG A 12 0.38 2.81 -0.71
N VAL A 13 1.29 3.38 0.07
CA VAL A 13 2.65 3.68 -0.38
C VAL A 13 3.37 2.41 -0.83
N GLY A 14 3.31 1.35 -0.02
CA GLY A 14 3.84 0.05 -0.39
C GLY A 14 3.23 -0.42 -1.70
N ALA A 15 1.93 -0.15 -1.89
CA ALA A 15 1.19 -0.60 -3.06
C ALA A 15 1.43 0.34 -4.24
N LYS A 16 2.70 0.50 -4.61
CA LYS A 16 3.14 1.32 -5.74
C LYS A 16 4.38 0.72 -6.42
N PRO A 17 5.55 0.76 -5.79
CA PRO A 17 6.79 0.23 -6.32
C PRO A 17 6.67 -1.27 -6.52
N ALA A 18 6.77 -1.61 -7.79
CA ALA A 18 6.58 -2.93 -8.41
C ALA A 18 5.12 -3.42 -8.34
N VAL A 19 4.20 -2.54 -7.95
CA VAL A 19 2.76 -2.78 -7.90
C VAL A 19 2.03 -1.92 -8.93
N ARG A 20 2.74 -0.97 -9.53
CA ARG A 20 2.34 -0.06 -10.60
C ARG A 20 1.24 0.88 -10.11
N GLY A 21 0.07 0.31 -9.83
CA GLY A 21 -1.09 0.99 -9.32
C GLY A 21 -2.17 -0.05 -9.06
N ALA A 22 -2.08 -0.76 -7.93
CA ALA A 22 -3.16 -1.61 -7.46
C ALA A 22 -4.33 -0.74 -7.01
N ARG A 23 -4.99 -0.11 -7.98
CA ARG A 23 -6.25 0.60 -7.87
C ARG A 23 -7.23 -0.21 -8.73
N PRO A 24 -7.05 -0.16 -10.05
CA PRO A 24 -7.42 -1.18 -10.99
C PRO A 24 -6.36 -2.29 -10.92
N ALA A 25 -6.13 -3.01 -12.02
CA ALA A 25 -5.17 -4.10 -12.07
C ALA A 25 -3.74 -3.56 -12.12
N SER A 26 -2.83 -4.18 -11.35
CA SER A 26 -1.41 -3.90 -11.40
C SER A 26 -0.77 -4.41 -12.70
N ARG A 27 -1.14 -3.81 -13.83
CA ARG A 27 -0.41 -3.86 -15.07
C ARG A 27 -0.62 -2.49 -15.70
N MET A 28 0.48 -1.89 -16.10
CA MET A 28 0.59 -0.57 -16.69
C MET A 28 0.56 -0.68 -18.22
N SER A 29 1.67 -1.15 -18.82
CA SER A 29 1.85 -1.11 -20.25
C SER A 29 1.00 -2.17 -20.94
N CYS A 30 1.43 -3.38 -20.67
CA CYS A 30 1.15 -4.64 -21.37
C CYS A 30 2.13 -5.69 -20.86
N MET A 31 3.40 -5.30 -20.82
CA MET A 31 4.48 -6.14 -20.31
C MET A 31 4.36 -6.24 -18.78
N ALA A 32 4.18 -5.09 -18.14
CA ALA A 32 3.91 -4.92 -16.73
C ALA A 32 3.33 -3.51 -16.58
N MET A 1 -5.93 5.75 18.38
CA MET A 1 -5.48 6.93 17.62
C MET A 1 -5.40 6.54 16.15
N ALA A 2 -4.92 7.43 15.28
CA ALA A 2 -4.96 7.26 13.82
C ALA A 2 -3.85 6.32 13.33
N MET A 3 -3.55 5.26 14.08
CA MET A 3 -2.69 4.18 13.61
C MET A 3 -3.33 3.55 12.38
N ALA A 4 -4.66 3.54 12.33
CA ALA A 4 -5.40 3.09 11.15
C ALA A 4 -4.95 3.87 9.91
N MET A 5 -4.90 5.20 10.02
CA MET A 5 -4.50 6.06 8.92
C MET A 5 -3.05 5.76 8.55
N ARG A 6 -2.16 5.79 9.55
CA ARG A 6 -0.75 5.50 9.30
C ARG A 6 -0.60 4.18 8.56
N SER A 7 -1.26 3.13 9.03
CA SER A 7 -1.19 1.79 8.46
C SER A 7 -1.73 1.80 7.02
N THR A 8 -2.95 2.30 6.80
CA THR A 8 -3.55 2.26 5.47
C THR A 8 -2.69 3.06 4.50
N PHE A 9 -2.21 4.22 4.95
CA PHE A 9 -1.37 5.10 4.16
C PHE A 9 -0.08 4.38 3.78
N ALA A 10 0.64 3.85 4.78
CA ALA A 10 1.87 3.11 4.55
C ALA A 10 1.64 1.97 3.56
N ALA A 11 0.58 1.19 3.77
CA ALA A 11 0.21 0.10 2.87
C ALA A 11 0.03 0.64 1.45
N ARG A 12 -0.80 1.68 1.28
CA ARG A 12 -1.05 2.27 -0.03
C ARG A 12 0.25 2.72 -0.69
N VAL A 13 1.11 3.41 0.06
CA VAL A 13 2.40 3.86 -0.44
C VAL A 13 3.24 2.67 -0.91
N GLY A 14 3.34 1.63 -0.08
CA GLY A 14 4.01 0.39 -0.47
C GLY A 14 3.38 -0.19 -1.73
N ALA A 15 2.04 -0.10 -1.82
CA ALA A 15 1.25 -0.65 -2.92
C ALA A 15 1.29 0.28 -4.13
N LYS A 16 2.51 0.47 -4.63
CA LYS A 16 2.86 1.15 -5.86
C LYS A 16 4.16 0.51 -6.38
N PRO A 17 5.28 0.71 -5.67
CA PRO A 17 6.48 -0.11 -5.73
C PRO A 17 6.17 -1.58 -5.89
N ALA A 18 5.38 -2.06 -4.96
CA ALA A 18 4.94 -3.46 -4.85
C ALA A 18 3.73 -3.76 -5.74
N VAL A 19 3.47 -2.94 -6.76
CA VAL A 19 2.42 -3.16 -7.76
C VAL A 19 3.05 -3.21 -9.14
N ARG A 20 3.86 -2.19 -9.38
CA ARG A 20 4.80 -2.14 -10.49
C ARG A 20 5.71 -3.38 -10.39
N GLY A 21 6.50 -3.46 -9.33
CA GLY A 21 7.19 -4.68 -8.96
C GLY A 21 6.21 -5.59 -8.23
N ALA A 22 5.19 -6.08 -8.95
CA ALA A 22 4.17 -6.96 -8.39
C ALA A 22 4.80 -8.15 -7.65
N ARG A 23 4.17 -8.58 -6.56
CA ARG A 23 4.56 -9.75 -5.80
C ARG A 23 3.41 -10.78 -5.79
N PRO A 24 2.43 -10.64 -4.89
CA PRO A 24 1.23 -11.46 -4.77
C PRO A 24 0.17 -10.97 -5.77
N ALA A 25 -1.11 -11.14 -5.42
CA ALA A 25 -2.24 -10.48 -6.08
C ALA A 25 -2.15 -8.97 -5.81
N SER A 26 -1.23 -8.31 -6.51
CA SER A 26 -0.73 -6.99 -6.17
C SER A 26 -1.70 -5.89 -6.62
N ARG A 27 -2.85 -5.82 -5.97
CA ARG A 27 -3.68 -4.63 -5.97
C ARG A 27 -3.20 -3.80 -4.78
N MET A 28 -4.13 -3.41 -3.91
CA MET A 28 -3.87 -3.16 -2.50
C MET A 28 -4.63 -4.23 -1.73
N SER A 29 -5.94 -4.25 -1.92
CA SER A 29 -6.86 -5.33 -1.55
C SER A 29 -8.14 -5.13 -2.36
N CYS A 30 -8.92 -6.17 -2.54
CA CYS A 30 -10.30 -6.11 -3.02
C CYS A 30 -11.23 -6.41 -1.85
N MET A 31 -10.92 -7.49 -1.14
CA MET A 31 -11.43 -7.81 0.19
C MET A 31 -10.21 -8.24 0.99
N ALA A 32 -9.59 -9.34 0.57
CA ALA A 32 -8.15 -9.48 0.58
C ALA A 32 -7.66 -9.01 -0.78
N MET A 1 -8.66 5.87 13.23
CA MET A 1 -7.73 6.43 14.23
C MET A 1 -6.35 6.62 13.60
N ALA A 2 -5.43 7.31 14.30
CA ALA A 2 -4.14 7.70 13.76
C ALA A 2 -3.34 6.51 13.23
N MET A 3 -3.40 5.45 14.01
CA MET A 3 -2.76 4.18 13.74
C MET A 3 -3.31 3.58 12.44
N ALA A 4 -4.64 3.56 12.30
CA ALA A 4 -5.28 3.03 11.12
C ALA A 4 -4.89 3.86 9.90
N MET A 5 -4.94 5.19 10.04
CA MET A 5 -4.53 6.11 8.97
C MET A 5 -3.10 5.79 8.55
N ARG A 6 -2.17 5.82 9.52
CA ARG A 6 -0.77 5.49 9.30
C ARG A 6 -0.64 4.18 8.53
N SER A 7 -1.25 3.12 9.06
CA SER A 7 -1.17 1.79 8.49
C SER A 7 -1.69 1.77 7.04
N THR A 8 -2.90 2.29 6.80
CA THR A 8 -3.51 2.22 5.48
C THR A 8 -2.67 3.05 4.50
N PHE A 9 -2.22 4.22 4.95
CA PHE A 9 -1.42 5.12 4.14
C PHE A 9 -0.12 4.43 3.76
N ALA A 10 0.58 3.86 4.75
CA ALA A 10 1.82 3.12 4.53
C ALA A 10 1.56 1.98 3.55
N ALA A 11 0.52 1.17 3.78
CA ALA A 11 0.16 0.09 2.88
C ALA A 11 -0.03 0.62 1.45
N ARG A 12 -0.78 1.72 1.29
CA ARG A 12 -1.00 2.32 -0.02
C ARG A 12 0.32 2.74 -0.65
N VAL A 13 1.17 3.48 0.06
CA VAL A 13 2.51 3.84 -0.45
C VAL A 13 3.22 2.56 -0.92
N GLY A 14 3.23 1.53 -0.06
CA GLY A 14 3.79 0.23 -0.34
C GLY A 14 3.12 -0.51 -1.50
N ALA A 15 2.13 0.07 -2.16
CA ALA A 15 1.52 -0.43 -3.38
C ALA A 15 1.07 0.76 -4.24
N LYS A 16 1.98 1.72 -4.48
CA LYS A 16 1.68 2.84 -5.39
C LYS A 16 1.70 2.40 -6.86
N PRO A 17 2.87 2.11 -7.42
CA PRO A 17 3.05 1.07 -8.41
C PRO A 17 2.92 -0.23 -7.63
N ALA A 18 3.82 -1.18 -7.83
CA ALA A 18 3.87 -2.31 -6.89
C ALA A 18 4.40 -1.92 -5.51
N VAL A 19 5.16 -0.84 -5.45
CA VAL A 19 5.88 -0.35 -4.26
C VAL A 19 6.34 1.11 -4.47
N ARG A 20 5.82 2.07 -3.70
CA ARG A 20 6.34 3.42 -3.52
C ARG A 20 6.46 4.21 -4.84
N GLY A 21 7.51 3.94 -5.62
CA GLY A 21 7.79 4.61 -6.89
C GLY A 21 8.61 3.72 -7.81
N ALA A 22 8.50 2.39 -7.67
CA ALA A 22 9.09 1.44 -8.59
C ALA A 22 8.12 1.18 -9.75
N ARG A 23 8.26 0.03 -10.41
CA ARG A 23 7.29 -0.49 -11.36
C ARG A 23 6.74 -1.79 -10.77
N PRO A 24 7.46 -2.91 -10.95
CA PRO A 24 7.29 -4.14 -10.23
C PRO A 24 7.87 -3.96 -8.83
N ALA A 25 8.00 -5.07 -8.11
CA ALA A 25 8.31 -5.10 -6.69
C ALA A 25 9.81 -4.90 -6.44
N SER A 26 10.39 -3.83 -6.98
CA SER A 26 11.81 -3.52 -6.83
C SER A 26 12.09 -2.96 -5.44
N ARG A 27 11.85 -3.75 -4.41
CA ARG A 27 12.06 -3.37 -3.01
C ARG A 27 12.54 -4.62 -2.27
N MET A 28 11.86 -4.94 -1.17
CA MET A 28 12.21 -6.00 -0.24
C MET A 28 10.96 -6.27 0.59
N SER A 29 10.74 -5.44 1.62
CA SER A 29 9.44 -5.22 2.21
C SER A 29 8.49 -4.62 1.16
N CYS A 30 7.19 -4.67 1.45
CA CYS A 30 6.13 -4.11 0.63
C CYS A 30 5.74 -2.75 1.18
N MET A 31 5.25 -2.74 2.42
CA MET A 31 4.67 -1.58 3.09
C MET A 31 5.58 -0.36 3.05
N ALA A 32 6.90 -0.56 3.06
CA ALA A 32 7.89 0.49 2.95
C ALA A 32 9.14 -0.15 2.38
N MET A 1 -2.95 8.56 17.87
CA MET A 1 -3.64 9.10 16.69
C MET A 1 -4.35 7.93 15.99
N ALA A 2 -4.94 8.15 14.82
CA ALA A 2 -5.52 7.10 14.02
C ALA A 2 -4.36 6.29 13.43
N MET A 3 -3.81 5.37 14.22
CA MET A 3 -2.85 4.39 13.75
C MET A 3 -3.36 3.69 12.49
N ALA A 4 -4.69 3.62 12.33
CA ALA A 4 -5.33 3.06 11.15
C ALA A 4 -4.93 3.86 9.90
N MET A 5 -4.89 5.19 10.01
CA MET A 5 -4.54 6.08 8.92
C MET A 5 -3.09 5.85 8.52
N ARG A 6 -2.19 5.89 9.51
CA ARG A 6 -0.79 5.54 9.29
C ARG A 6 -0.68 4.20 8.57
N SER A 7 -1.33 3.16 9.11
CA SER A 7 -1.26 1.81 8.56
C SER A 7 -1.75 1.77 7.11
N THR A 8 -2.95 2.30 6.83
CA THR A 8 -3.50 2.24 5.48
C THR A 8 -2.57 3.01 4.56
N PHE A 9 -2.17 4.23 4.96
CA PHE A 9 -1.31 5.06 4.13
C PHE A 9 -0.02 4.31 3.79
N ALA A 10 0.64 3.76 4.81
CA ALA A 10 1.85 2.95 4.67
C ALA A 10 1.61 1.79 3.70
N ALA A 11 0.47 1.09 3.82
CA ALA A 11 0.14 0.02 2.89
C ALA A 11 -0.03 0.54 1.45
N ARG A 12 -0.66 1.72 1.30
CA ARG A 12 -0.97 2.29 0.00
C ARG A 12 0.31 2.76 -0.71
N VAL A 13 1.18 3.49 -0.02
CA VAL A 13 2.36 4.05 -0.68
C VAL A 13 3.22 2.92 -1.27
N GLY A 14 3.55 3.05 -2.56
CA GLY A 14 4.27 2.03 -3.31
C GLY A 14 3.35 0.91 -3.81
N ALA A 15 2.03 1.04 -3.60
CA ALA A 15 1.00 0.14 -4.14
C ALA A 15 0.04 0.87 -5.06
N LYS A 16 -0.35 2.06 -4.65
CA LYS A 16 -1.18 3.00 -5.42
C LYS A 16 -0.50 4.36 -5.59
N PRO A 17 -0.41 5.21 -4.56
CA PRO A 17 0.49 6.33 -4.53
C PRO A 17 1.88 5.84 -4.90
N ALA A 18 2.38 6.48 -5.94
CA ALA A 18 3.64 6.24 -6.64
C ALA A 18 3.62 4.95 -7.47
N VAL A 19 2.43 4.52 -7.91
CA VAL A 19 2.24 3.40 -8.83
C VAL A 19 1.23 3.73 -9.91
N ARG A 20 0.11 4.26 -9.44
CA ARG A 20 -1.12 4.56 -10.16
C ARG A 20 -1.69 3.26 -10.76
N GLY A 21 -1.06 2.80 -11.83
CA GLY A 21 -1.35 1.56 -12.52
C GLY A 21 -0.15 1.22 -13.41
N ALA A 22 1.05 1.30 -12.83
CA ALA A 22 2.29 0.83 -13.41
C ALA A 22 2.50 -0.64 -13.03
N ARG A 23 3.20 -1.38 -13.88
CA ARG A 23 3.63 -2.75 -13.65
C ARG A 23 4.22 -2.94 -12.24
N PRO A 24 5.37 -2.33 -11.97
CA PRO A 24 6.04 -2.37 -10.71
C PRO A 24 5.27 -1.60 -9.65
N ALA A 25 4.77 -2.40 -8.74
CA ALA A 25 4.27 -2.01 -7.43
C ALA A 25 5.46 -1.48 -6.64
N SER A 26 5.83 -0.22 -6.91
CA SER A 26 7.07 0.40 -6.52
C SER A 26 7.11 0.75 -5.02
N ARG A 27 7.01 -0.28 -4.18
CA ARG A 27 7.44 -0.27 -2.79
C ARG A 27 8.87 -0.84 -2.80
N MET A 28 9.15 -1.76 -1.88
CA MET A 28 10.40 -2.50 -1.66
C MET A 28 10.30 -3.12 -0.27
N SER A 29 10.14 -2.25 0.72
CA SER A 29 9.77 -2.54 2.08
C SER A 29 9.18 -1.26 2.66
N CYS A 30 8.27 -1.39 3.63
CA CYS A 30 7.51 -0.27 4.18
C CYS A 30 7.11 -0.55 5.63
N MET A 31 6.51 -1.72 5.85
CA MET A 31 6.19 -2.26 7.16
C MET A 31 6.73 -3.69 7.19
N ALA A 32 6.21 -4.51 6.27
CA ALA A 32 7.02 -5.45 5.54
C ALA A 32 7.44 -4.74 4.26
N MET A 1 -12.45 7.37 9.92
CA MET A 1 -12.35 6.59 11.15
C MET A 1 -10.87 6.48 11.52
N ALA A 2 -10.51 5.73 12.57
CA ALA A 2 -9.13 5.32 12.80
C ALA A 2 -8.92 4.07 11.94
N MET A 3 -9.15 4.22 10.63
CA MET A 3 -8.90 3.20 9.65
C MET A 3 -7.38 3.17 9.47
N ALA A 4 -6.69 2.63 10.48
CA ALA A 4 -5.50 3.19 11.09
C ALA A 4 -4.61 3.90 10.07
N MET A 5 -4.92 5.19 9.88
CA MET A 5 -4.45 6.08 8.83
C MET A 5 -2.98 5.88 8.50
N ARG A 6 -2.13 5.91 9.51
CA ARG A 6 -0.68 5.70 9.34
C ARG A 6 -0.41 4.36 8.64
N SER A 7 -1.04 3.29 9.13
CA SER A 7 -0.89 1.93 8.64
C SER A 7 -1.43 1.86 7.21
N THR A 8 -2.68 2.33 7.06
CA THR A 8 -3.36 2.57 5.79
C THR A 8 -2.39 3.20 4.79
N PHE A 9 -1.76 4.32 5.16
CA PHE A 9 -0.89 5.08 4.29
C PHE A 9 0.30 4.21 3.90
N ALA A 10 1.02 3.68 4.90
CA ALA A 10 2.17 2.83 4.67
C ALA A 10 1.83 1.64 3.77
N ALA A 11 0.62 1.08 3.88
CA ALA A 11 0.17 0.02 3.00
C ALA A 11 -0.11 0.53 1.59
N ARG A 12 -0.79 1.67 1.46
CA ARG A 12 -1.28 2.15 0.18
C ARG A 12 -0.22 2.90 -0.63
N VAL A 13 0.81 3.48 -0.01
CA VAL A 13 1.92 4.02 -0.80
C VAL A 13 2.52 2.89 -1.65
N GLY A 14 3.00 3.22 -2.86
CA GLY A 14 3.35 2.21 -3.84
C GLY A 14 2.08 1.65 -4.48
N ALA A 15 1.21 1.02 -3.69
CA ALA A 15 -0.08 0.46 -4.12
C ALA A 15 -1.15 1.54 -4.34
N LYS A 16 -0.74 2.60 -5.06
CA LYS A 16 -1.57 3.64 -5.65
C LYS A 16 -0.99 3.93 -7.04
N PRO A 17 0.25 4.42 -7.12
CA PRO A 17 1.09 4.43 -8.30
C PRO A 17 1.02 3.15 -9.10
N ALA A 18 1.42 2.08 -8.45
CA ALA A 18 1.57 0.75 -9.03
C ALA A 18 0.24 0.00 -9.09
N VAL A 19 -0.83 0.71 -9.46
CA VAL A 19 -2.16 0.14 -9.71
C VAL A 19 -2.99 1.09 -10.56
N ARG A 20 -2.90 2.34 -10.15
CA ARG A 20 -3.45 3.55 -10.75
C ARG A 20 -4.96 3.60 -10.54
N GLY A 21 -5.69 2.57 -10.97
CA GLY A 21 -7.13 2.49 -10.81
C GLY A 21 -7.56 2.83 -9.37
N ALA A 22 -6.85 2.26 -8.39
CA ALA A 22 -7.18 2.45 -6.99
C ALA A 22 -6.52 3.70 -6.38
N ARG A 23 -6.18 4.68 -7.21
CA ARG A 23 -5.83 6.03 -6.74
C ARG A 23 -7.06 6.68 -6.08
N PRO A 24 -8.10 6.98 -6.86
CA PRO A 24 -9.43 7.40 -6.47
C PRO A 24 -9.98 6.76 -5.20
N ALA A 25 -9.70 5.49 -5.08
CA ALA A 25 -9.96 4.66 -3.90
C ALA A 25 -9.02 5.04 -2.74
N SER A 26 -9.06 6.31 -2.33
CA SER A 26 -8.46 6.83 -1.11
C SER A 26 -9.57 6.94 -0.07
N ARG A 27 -9.52 6.14 0.99
CA ARG A 27 -10.50 6.07 2.03
C ARG A 27 -9.68 5.88 3.29
N MET A 28 -10.15 6.55 4.33
CA MET A 28 -9.61 6.61 5.68
C MET A 28 -10.71 7.15 6.60
N SER A 29 -11.33 8.25 6.14
CA SER A 29 -12.47 8.89 6.74
C SER A 29 -13.69 8.76 5.84
N CYS A 30 -14.86 9.00 6.43
CA CYS A 30 -16.10 9.29 5.69
C CYS A 30 -16.79 10.44 6.41
N MET A 31 -17.61 10.13 7.42
CA MET A 31 -18.13 11.14 8.34
C MET A 31 -16.97 11.71 9.16
N ALA A 32 -16.05 10.81 9.56
CA ALA A 32 -14.78 11.10 10.15
C ALA A 32 -13.90 9.90 9.78
N MET A 1 -4.17 6.95 18.75
CA MET A 1 -4.17 7.88 17.61
C MET A 1 -4.63 7.10 16.37
N ALA A 2 -4.70 7.73 15.19
CA ALA A 2 -5.15 7.12 13.96
C ALA A 2 -4.03 6.29 13.35
N MET A 3 -3.55 5.30 14.12
CA MET A 3 -2.65 4.28 13.62
C MET A 3 -3.27 3.59 12.40
N ALA A 4 -4.61 3.57 12.35
CA ALA A 4 -5.34 3.05 11.20
C ALA A 4 -4.95 3.82 9.93
N MET A 5 -4.94 5.15 10.03
CA MET A 5 -4.59 6.03 8.91
C MET A 5 -3.14 5.79 8.53
N ARG A 6 -2.25 5.81 9.53
CA ARG A 6 -0.83 5.56 9.27
C ARG A 6 -0.64 4.22 8.55
N SER A 7 -1.30 3.17 9.04
CA SER A 7 -1.20 1.83 8.47
C SER A 7 -1.72 1.83 7.03
N THR A 8 -2.94 2.33 6.79
CA THR A 8 -3.50 2.33 5.44
C THR A 8 -2.58 3.13 4.52
N PHE A 9 -2.10 4.28 5.00
CA PHE A 9 -1.23 5.15 4.22
C PHE A 9 0.02 4.39 3.81
N ALA A 10 0.73 3.81 4.77
CA ALA A 10 1.92 3.00 4.51
C ALA A 10 1.61 1.89 3.51
N ALA A 11 0.53 1.15 3.78
CA ALA A 11 0.07 0.06 2.93
C ALA A 11 -0.05 0.52 1.48
N ARG A 12 -0.77 1.61 1.24
CA ARG A 12 -1.02 2.16 -0.09
C ARG A 12 0.26 2.75 -0.71
N VAL A 13 1.10 3.43 0.08
CA VAL A 13 2.40 3.93 -0.35
C VAL A 13 3.19 2.81 -1.03
N GLY A 14 3.36 1.70 -0.31
CA GLY A 14 4.04 0.55 -0.88
C GLY A 14 3.15 -0.18 -1.89
N ALA A 15 1.83 -0.05 -1.74
CA ALA A 15 0.82 -0.99 -2.22
C ALA A 15 1.24 -2.40 -1.78
N LYS A 16 1.73 -2.49 -0.53
CA LYS A 16 2.53 -3.61 -0.06
C LYS A 16 2.28 -4.00 1.40
N PRO A 17 2.72 -3.21 2.39
CA PRO A 17 2.76 -3.55 3.81
C PRO A 17 1.64 -4.43 4.33
N ALA A 18 0.44 -3.95 4.11
CA ALA A 18 -0.82 -4.62 4.43
C ALA A 18 -1.67 -4.76 3.16
N VAL A 19 -1.03 -5.20 2.08
CA VAL A 19 -1.66 -5.42 0.77
C VAL A 19 -1.18 -6.74 0.19
N ARG A 20 0.14 -6.84 0.18
CA ARG A 20 0.99 -7.99 -0.08
C ARG A 20 0.69 -8.68 -1.41
N GLY A 21 -0.44 -9.39 -1.47
CA GLY A 21 -0.85 -10.24 -2.58
C GLY A 21 -2.09 -9.72 -3.30
N ALA A 22 -2.74 -8.66 -2.79
CA ALA A 22 -3.89 -8.08 -3.47
C ALA A 22 -3.40 -7.27 -4.68
N ARG A 23 -3.07 -7.99 -5.77
CA ARG A 23 -2.70 -7.42 -7.07
C ARG A 23 -3.88 -7.63 -8.01
N PRO A 24 -4.09 -8.86 -8.49
CA PRO A 24 -5.30 -9.30 -9.13
C PRO A 24 -6.37 -9.54 -8.04
N ALA A 25 -7.43 -10.24 -8.42
CA ALA A 25 -8.56 -10.51 -7.56
C ALA A 25 -8.25 -11.69 -6.64
N SER A 26 -7.19 -11.58 -5.84
CA SER A 26 -6.61 -12.65 -5.05
C SER A 26 -7.53 -13.14 -3.92
N ARG A 27 -8.61 -13.83 -4.29
CA ARG A 27 -9.54 -14.50 -3.39
C ARG A 27 -8.84 -15.66 -2.68
N MET A 28 -8.10 -16.36 -3.52
CA MET A 28 -7.24 -17.52 -3.32
C MET A 28 -6.87 -17.92 -4.74
N SER A 29 -7.87 -18.47 -5.44
CA SER A 29 -8.04 -18.25 -6.86
C SER A 29 -8.07 -16.76 -7.20
N CYS A 30 -7.98 -16.45 -8.49
CA CYS A 30 -8.26 -15.14 -9.04
C CYS A 30 -9.69 -15.18 -9.59
N MET A 31 -9.92 -16.08 -10.53
CA MET A 31 -11.22 -16.44 -11.05
C MET A 31 -11.28 -17.95 -10.97
N ALA A 32 -10.46 -18.63 -11.78
CA ALA A 32 -9.79 -19.85 -11.35
C ALA A 32 -8.64 -19.43 -10.42
N MET A 1 -2.99 8.00 18.28
CA MET A 1 -3.43 8.74 17.09
C MET A 1 -4.01 7.72 16.10
N ALA A 2 -4.32 8.12 14.87
CA ALA A 2 -4.88 7.27 13.84
C ALA A 2 -3.78 6.39 13.27
N MET A 3 -3.28 5.46 14.09
CA MET A 3 -2.45 4.36 13.65
C MET A 3 -3.11 3.65 12.46
N ALA A 4 -4.45 3.66 12.43
CA ALA A 4 -5.21 3.08 11.33
C ALA A 4 -4.89 3.81 10.02
N MET A 5 -4.93 5.15 10.05
CA MET A 5 -4.61 5.97 8.89
C MET A 5 -3.16 5.74 8.51
N ARG A 6 -2.27 5.79 9.50
CA ARG A 6 -0.85 5.55 9.25
C ARG A 6 -0.67 4.23 8.51
N SER A 7 -1.29 3.17 9.03
CA SER A 7 -1.21 1.83 8.45
C SER A 7 -1.74 1.83 7.01
N THR A 8 -2.96 2.33 6.78
CA THR A 8 -3.56 2.29 5.44
C THR A 8 -2.67 3.08 4.47
N PHE A 9 -2.19 4.23 4.93
CA PHE A 9 -1.34 5.12 4.16
C PHE A 9 -0.04 4.40 3.80
N ALA A 10 0.63 3.80 4.79
CA ALA A 10 1.83 3.01 4.59
C ALA A 10 1.58 1.91 3.56
N ALA A 11 0.50 1.15 3.74
CA ALA A 11 0.14 0.07 2.82
C ALA A 11 -0.02 0.62 1.39
N ARG A 12 -0.79 1.70 1.23
CA ARG A 12 -1.00 2.33 -0.06
C ARG A 12 0.34 2.73 -0.69
N VAL A 13 1.17 3.47 0.05
CA VAL A 13 2.50 3.86 -0.43
C VAL A 13 3.30 2.61 -0.83
N GLY A 14 3.20 1.55 -0.03
CA GLY A 14 3.84 0.28 -0.29
C GLY A 14 3.36 -0.37 -1.60
N ALA A 15 2.19 0.00 -2.11
CA ALA A 15 1.57 -0.66 -3.26
C ALA A 15 2.18 -0.16 -4.58
N LYS A 16 3.49 -0.39 -4.73
CA LYS A 16 4.36 -0.11 -5.87
C LYS A 16 5.75 -0.70 -5.54
N PRO A 17 6.36 -0.24 -4.45
CA PRO A 17 7.43 -0.89 -3.74
C PRO A 17 7.23 -2.40 -3.67
N ALA A 18 6.31 -2.80 -2.83
CA ALA A 18 5.97 -4.20 -2.57
C ALA A 18 5.06 -4.75 -3.68
N VAL A 19 5.38 -4.45 -4.94
CA VAL A 19 4.64 -4.91 -6.11
C VAL A 19 5.56 -5.13 -7.28
N ARG A 20 6.34 -4.10 -7.53
CA ARG A 20 7.30 -3.95 -8.62
C ARG A 20 8.69 -3.74 -8.06
N GLY A 21 8.80 -2.79 -7.12
CA GLY A 21 10.08 -2.36 -6.55
C GLY A 21 10.80 -3.47 -5.79
N ALA A 22 10.06 -4.41 -5.20
CA ALA A 22 10.56 -5.49 -4.38
C ALA A 22 9.54 -6.62 -4.44
N ARG A 23 9.98 -7.88 -4.29
CA ARG A 23 9.05 -9.00 -4.12
C ARG A 23 9.08 -9.42 -2.64
N PRO A 24 10.09 -10.15 -2.20
CA PRO A 24 10.45 -10.37 -0.82
C PRO A 24 11.15 -9.11 -0.30
N ALA A 25 12.03 -9.26 0.69
CA ALA A 25 12.91 -8.19 1.14
C ALA A 25 14.04 -7.98 0.11
N SER A 26 13.68 -7.57 -1.11
CA SER A 26 14.62 -7.28 -2.17
C SER A 26 15.62 -6.20 -1.71
N ARG A 27 16.92 -6.52 -1.72
CA ARG A 27 18.00 -5.67 -1.23
C ARG A 27 18.66 -4.90 -2.34
N MET A 28 18.94 -5.63 -3.41
CA MET A 28 19.47 -5.08 -4.65
C MET A 28 18.42 -4.13 -5.24
N SER A 29 17.25 -4.69 -5.47
CA SER A 29 15.94 -4.15 -5.82
C SER A 29 15.28 -5.13 -6.78
N CYS A 30 13.95 -5.14 -6.72
CA CYS A 30 13.05 -6.03 -7.42
C CYS A 30 13.47 -7.50 -7.27
N MET A 31 14.40 -7.98 -8.11
CA MET A 31 14.73 -9.39 -8.25
C MET A 31 15.31 -9.98 -6.97
N ALA A 32 16.08 -9.19 -6.22
CA ALA A 32 16.76 -9.58 -5.00
C ALA A 32 17.16 -8.27 -4.33
N MET A 1 -7.03 9.98 11.05
CA MET A 1 -7.36 9.06 12.17
C MET A 1 -6.04 8.68 12.85
N ALA A 2 -6.04 7.64 13.68
CA ALA A 2 -4.90 7.21 14.46
C ALA A 2 -4.07 6.17 13.66
N MET A 3 -3.59 5.13 14.35
CA MET A 3 -2.83 4.01 13.82
C MET A 3 -3.37 3.54 12.46
N ALA A 4 -4.69 3.40 12.36
CA ALA A 4 -5.36 2.98 11.13
C ALA A 4 -4.94 3.82 9.93
N MET A 5 -4.87 5.15 10.08
CA MET A 5 -4.55 6.04 8.99
C MET A 5 -3.11 5.79 8.55
N ARG A 6 -2.20 5.79 9.51
CA ARG A 6 -0.78 5.56 9.27
C ARG A 6 -0.60 4.23 8.53
N SER A 7 -1.25 3.19 9.04
CA SER A 7 -1.20 1.86 8.46
C SER A 7 -1.72 1.85 7.03
N THR A 8 -2.95 2.35 6.79
CA THR A 8 -3.55 2.31 5.47
C THR A 8 -2.67 3.11 4.49
N PHE A 9 -2.19 4.27 4.94
CA PHE A 9 -1.34 5.14 4.14
C PHE A 9 -0.05 4.40 3.77
N ALA A 10 0.65 3.86 4.77
CA ALA A 10 1.88 3.10 4.55
C ALA A 10 1.64 1.96 3.57
N ALA A 11 0.56 1.19 3.77
CA ALA A 11 0.18 0.11 2.87
C ALA A 11 -0.01 0.65 1.46
N ARG A 12 -0.79 1.72 1.29
CA ARG A 12 -1.04 2.29 -0.03
C ARG A 12 0.27 2.74 -0.69
N VAL A 13 1.15 3.41 0.05
CA VAL A 13 2.46 3.76 -0.46
C VAL A 13 3.20 2.50 -0.94
N GLY A 14 3.27 1.48 -0.08
CA GLY A 14 3.82 0.18 -0.44
C GLY A 14 3.20 -0.35 -1.73
N ALA A 15 1.90 -0.10 -1.92
CA ALA A 15 1.14 -0.49 -3.10
C ALA A 15 0.89 0.73 -4.00
N LYS A 16 1.94 1.52 -4.21
CA LYS A 16 1.96 2.82 -4.80
C LYS A 16 0.92 3.19 -5.85
N PRO A 17 0.59 4.49 -5.85
CA PRO A 17 -0.22 5.20 -6.81
C PRO A 17 0.60 5.36 -8.08
N ALA A 18 0.45 6.46 -8.81
CA ALA A 18 1.13 6.69 -10.09
C ALA A 18 2.65 6.88 -9.97
N VAL A 19 3.26 6.43 -8.88
CA VAL A 19 4.70 6.17 -8.83
C VAL A 19 5.00 4.81 -9.47
N ARG A 20 4.02 3.91 -9.38
CA ARG A 20 3.90 2.57 -9.96
C ARG A 20 5.01 2.20 -10.94
N GLY A 21 5.11 2.92 -12.06
CA GLY A 21 6.09 2.69 -13.11
C GLY A 21 7.50 2.47 -12.54
N ALA A 22 7.93 3.33 -11.62
CA ALA A 22 9.14 3.10 -10.83
C ALA A 22 8.82 2.03 -9.79
N ARG A 23 8.69 0.77 -10.24
CA ARG A 23 8.27 -0.35 -9.41
C ARG A 23 9.18 -0.56 -8.20
N PRO A 24 10.40 -1.05 -8.44
CA PRO A 24 11.47 -1.20 -7.49
C PRO A 24 12.15 0.14 -7.30
N ALA A 25 13.29 0.09 -6.61
CA ALA A 25 14.25 1.17 -6.51
C ALA A 25 14.93 1.32 -7.87
N SER A 26 14.17 1.83 -8.84
CA SER A 26 14.37 1.49 -10.24
C SER A 26 15.65 2.07 -10.84
N ARG A 27 16.22 1.36 -11.81
CA ARG A 27 17.29 1.81 -12.67
C ARG A 27 16.77 2.88 -13.62
N MET A 28 15.67 2.53 -14.25
CA MET A 28 14.91 3.32 -15.19
C MET A 28 13.49 3.48 -14.65
N SER A 29 12.76 2.37 -14.65
CA SER A 29 11.34 2.18 -14.39
C SER A 29 10.82 1.16 -15.41
N CYS A 30 9.64 0.61 -15.15
CA CYS A 30 8.92 -0.36 -15.98
C CYS A 30 9.70 -1.67 -16.10
N MET A 31 10.79 -1.65 -16.85
CA MET A 31 11.66 -2.80 -17.06
C MET A 31 12.45 -3.09 -15.78
N ALA A 32 13.16 -2.09 -15.27
CA ALA A 32 14.00 -2.21 -14.10
C ALA A 32 14.31 -0.81 -13.58
N MET A 1 -7.99 5.20 16.09
CA MET A 1 -7.29 6.49 15.91
C MET A 1 -6.35 6.39 14.71
N ALA A 2 -5.54 7.42 14.47
CA ALA A 2 -4.74 7.56 13.25
C ALA A 2 -3.60 6.55 13.10
N MET A 3 -3.55 5.55 13.98
CA MET A 3 -2.80 4.32 13.73
C MET A 3 -3.36 3.68 12.45
N ALA A 4 -4.69 3.63 12.34
CA ALA A 4 -5.36 3.09 11.16
C ALA A 4 -4.93 3.87 9.92
N MET A 5 -4.96 5.20 10.00
CA MET A 5 -4.55 6.08 8.91
C MET A 5 -3.11 5.76 8.52
N ARG A 6 -2.19 5.86 9.47
CA ARG A 6 -0.78 5.58 9.22
C ARG A 6 -0.60 4.21 8.55
N SER A 7 -1.23 3.18 9.11
CA SER A 7 -1.14 1.82 8.57
C SER A 7 -1.66 1.77 7.13
N THR A 8 -2.88 2.23 6.89
CA THR A 8 -3.47 2.13 5.55
C THR A 8 -2.60 2.92 4.58
N PHE A 9 -2.23 4.15 4.97
CA PHE A 9 -1.41 5.04 4.16
C PHE A 9 -0.09 4.35 3.79
N ALA A 10 0.61 3.79 4.78
CA ALA A 10 1.82 3.04 4.55
C ALA A 10 1.58 1.92 3.54
N ALA A 11 0.50 1.15 3.71
CA ALA A 11 0.15 0.10 2.76
C ALA A 11 -0.07 0.69 1.36
N ARG A 12 -0.76 1.83 1.25
CA ARG A 12 -1.03 2.45 -0.04
C ARG A 12 0.30 2.82 -0.71
N VAL A 13 1.18 3.52 0.00
CA VAL A 13 2.52 3.84 -0.47
C VAL A 13 3.23 2.55 -0.89
N GLY A 14 3.08 1.48 -0.10
CA GLY A 14 3.60 0.15 -0.38
C GLY A 14 3.18 -0.41 -1.75
N ALA A 15 2.11 0.11 -2.38
CA ALA A 15 1.66 -0.32 -3.70
C ALA A 15 1.72 0.84 -4.69
N LYS A 16 2.45 1.88 -4.31
CA LYS A 16 2.38 3.24 -4.78
C LYS A 16 0.98 3.85 -4.57
N PRO A 17 0.97 5.04 -3.97
CA PRO A 17 -0.14 5.60 -3.22
C PRO A 17 -1.32 5.85 -4.13
N ALA A 18 -1.33 7.03 -4.72
CA ALA A 18 -2.30 7.44 -5.72
C ALA A 18 -2.06 6.71 -7.06
N VAL A 19 -1.62 5.45 -7.04
CA VAL A 19 -1.48 4.64 -8.25
C VAL A 19 -2.38 3.41 -8.15
N ARG A 20 -2.03 2.60 -7.18
CA ARG A 20 -2.70 1.33 -6.88
C ARG A 20 -3.33 1.41 -5.49
N GLY A 21 -2.58 1.94 -4.53
CA GLY A 21 -3.05 2.16 -3.17
C GLY A 21 -4.42 2.84 -3.15
N ALA A 22 -4.60 3.86 -3.99
CA ALA A 22 -5.89 4.44 -4.31
C ALA A 22 -6.10 4.29 -5.81
N ARG A 23 -6.30 3.03 -6.24
CA ARG A 23 -6.72 2.66 -7.58
C ARG A 23 -8.03 3.37 -7.93
N PRO A 24 -9.14 2.95 -7.33
CA PRO A 24 -10.36 3.70 -7.29
C PRO A 24 -10.11 4.97 -6.50
N ALA A 25 -10.22 6.05 -7.24
CA ALA A 25 -10.03 7.44 -6.86
C ALA A 25 -10.75 8.26 -7.92
N SER A 26 -10.11 9.31 -8.47
CA SER A 26 -10.61 10.05 -9.62
C SER A 26 -10.49 9.22 -10.91
N ARG A 27 -11.02 8.00 -10.90
CA ARG A 27 -10.96 7.00 -11.93
C ARG A 27 -12.29 6.23 -11.84
N MET A 28 -12.20 4.92 -11.87
CA MET A 28 -13.29 3.99 -11.63
C MET A 28 -12.66 2.62 -11.34
N SER A 29 -12.21 1.90 -12.38
CA SER A 29 -11.52 0.64 -12.23
C SER A 29 -10.05 0.78 -12.62
N CYS A 30 -9.90 1.11 -13.89
CA CYS A 30 -8.67 1.43 -14.59
C CYS A 30 -8.57 2.95 -14.74
N MET A 31 -9.60 3.52 -15.36
CA MET A 31 -9.82 4.94 -15.61
C MET A 31 -11.33 5.10 -15.84
N ALA A 32 -11.87 4.26 -16.74
CA ALA A 32 -13.20 3.68 -16.57
C ALA A 32 -13.04 2.46 -15.66
#